data_4U9M
# 
_entry.id   4U9M 
# 
_audit_conform.dict_name       mmcif_pdbx.dic 
_audit_conform.dict_version    5.383 
_audit_conform.dict_location   http://mmcif.pdb.org/dictionaries/ascii/mmcif_pdbx.dic 
# 
loop_
_database_2.database_id 
_database_2.database_code 
_database_2.pdbx_database_accession 
_database_2.pdbx_DOI 
PDB   4U9M         pdb_00004u9m 10.2210/pdb4u9m/pdb 
WWPDB D_1000203001 ?            ?                   
# 
_pdbx_database_status.status_code                     REL 
_pdbx_database_status.status_code_sf                  REL 
_pdbx_database_status.status_code_mr                  ? 
_pdbx_database_status.entry_id                        4U9M 
_pdbx_database_status.recvd_initial_deposition_date   2014-08-06 
_pdbx_database_status.SG_entry                        N 
_pdbx_database_status.deposit_site                    RCSB 
_pdbx_database_status.process_site                    PDBE 
_pdbx_database_status.status_code_cs                  ? 
_pdbx_database_status.methods_development_category    ? 
_pdbx_database_status.pdb_format_compatible           Y 
_pdbx_database_status.status_code_nmr_data            ? 
# 
loop_
_audit_author.name 
_audit_author.pdbx_ordinal 
'Acosta-Reyes, F.J.' 1 
'Alechaga, E.'       2 
'Subirana, J.A.'     3 
'Campos, J.L.'       4 
# 
_citation.abstract                  ? 
_citation.abstract_id_CAS           ? 
_citation.book_id_ISBN              ? 
_citation.book_publisher            ? 
_citation.book_publisher_city       ? 
_citation.book_title                ? 
_citation.coordinate_linkage        ? 
_citation.country                   US 
_citation.database_id_Medline       ? 
_citation.details                   ? 
_citation.id                        primary 
_citation.journal_abbrev            'Plos One' 
_citation.journal_id_ASTM           ? 
_citation.journal_id_CSD            ? 
_citation.journal_id_ISSN           1932-6203 
_citation.journal_full              ? 
_citation.journal_issue             ? 
_citation.journal_volume            10 
_citation.language                  ? 
_citation.page_first                e0120241 
_citation.page_last                 e0120241 
_citation.title                     'Structure of the DNA Duplex d(ATTAAT)2 with Hoogsteen Hydrogen Bonds.' 
_citation.year                      2015 
_citation.database_id_CSD           ? 
_citation.pdbx_database_id_DOI      10.1371/journal.pone.0120241 
_citation.pdbx_database_id_PubMed   25781995 
_citation.unpublished_flag          ? 
# 
loop_
_citation_author.citation_id 
_citation_author.name 
_citation_author.ordinal 
_citation_author.identifier_ORCID 
primary 'Acosta-Reyes, F.J.' 1 ? 
primary 'Alechaga, E.'       2 ? 
primary 'Subirana, J.A.'     3 ? 
primary 'Campos, J.L.'       4 ? 
# 
_cell.entry_id           4U9M 
_cell.length_a           24.756 
_cell.length_b           42.898 
_cell.length_c           99.422 
_cell.angle_alpha        90.00 
_cell.angle_beta         90.04 
_cell.angle_gamma        90.00 
_cell.Z_PDB              20 
_cell.pdbx_unique_axis   ? 
# 
_symmetry.entry_id                         4U9M 
_symmetry.cell_setting                     ? 
_symmetry.Int_Tables_number                5 
_symmetry.space_group_name_Hall            ? 
_symmetry.space_group_name_H-M             'C 1 2 1' 
_symmetry.pdbx_full_space_group_name_H-M   ? 
# 
_entity.id                         1 
_entity.type                       polymer 
_entity.src_method                 syn 
_entity.pdbx_description           
;DNA (5'-D(*AP*TP*TP*AP*AP*T)-3')
;
_entity.formula_weight             1807.241 
_entity.pdbx_number_of_molecules   5 
_entity.pdbx_ec                    ? 
_entity.pdbx_mutation              ? 
_entity.pdbx_fragment              ? 
_entity.details                    ? 
# 
_entity_poly.entity_id                      1 
_entity_poly.type                           polydeoxyribonucleotide 
_entity_poly.nstd_linkage                   no 
_entity_poly.nstd_monomer                   no 
_entity_poly.pdbx_seq_one_letter_code       '(DA)(DT)(DT)(DA)(DA)(DT)' 
_entity_poly.pdbx_seq_one_letter_code_can   ATTAAT 
_entity_poly.pdbx_strand_id                 A,B,C,D,E 
_entity_poly.pdbx_target_identifier         ? 
# 
loop_
_entity_poly_seq.entity_id 
_entity_poly_seq.num 
_entity_poly_seq.mon_id 
_entity_poly_seq.hetero 
1 1 DA n 
1 2 DT n 
1 3 DT n 
1 4 DA n 
1 5 DA n 
1 6 DT n 
# 
_pdbx_entity_src_syn.entity_id              1 
_pdbx_entity_src_syn.pdbx_src_id            1 
_pdbx_entity_src_syn.pdbx_alt_source_flag   sample 
_pdbx_entity_src_syn.pdbx_beg_seq_num       1 
_pdbx_entity_src_syn.pdbx_end_seq_num       6 
_pdbx_entity_src_syn.organism_scientific    'synthetic construct' 
_pdbx_entity_src_syn.organism_common_name   ? 
_pdbx_entity_src_syn.ncbi_taxonomy_id       32630 
_pdbx_entity_src_syn.details                ? 
# 
_struct_ref.id                         1 
_struct_ref.db_name                    PDB 
_struct_ref.db_code                    4U9M 
_struct_ref.pdbx_db_accession          4U9M 
_struct_ref.entity_id                  1 
_struct_ref.pdbx_seq_one_letter_code   ? 
_struct_ref.pdbx_align_begin           1 
_struct_ref.pdbx_db_isoform            ? 
# 
loop_
_struct_ref_seq.align_id 
_struct_ref_seq.ref_id 
_struct_ref_seq.pdbx_PDB_id_code 
_struct_ref_seq.pdbx_strand_id 
_struct_ref_seq.seq_align_beg 
_struct_ref_seq.pdbx_seq_align_beg_ins_code 
_struct_ref_seq.seq_align_end 
_struct_ref_seq.pdbx_seq_align_end_ins_code 
_struct_ref_seq.pdbx_db_accession 
_struct_ref_seq.db_align_beg 
_struct_ref_seq.pdbx_db_align_beg_ins_code 
_struct_ref_seq.db_align_end 
_struct_ref_seq.pdbx_db_align_end_ins_code 
_struct_ref_seq.pdbx_auth_seq_align_beg 
_struct_ref_seq.pdbx_auth_seq_align_end 
1 1 4U9M A 1 ? 6 ? 4U9M 1 ? 6  ? 1 6  
2 1 4U9M B 1 ? 6 ? 4U9M 7 ? 12 ? 7 12 
3 1 4U9M C 1 ? 6 ? 4U9M 1 ? 6  ? 1 6  
4 1 4U9M D 1 ? 6 ? 4U9M 7 ? 12 ? 7 12 
5 1 4U9M E 1 ? 6 ? 4U9M 1 ? 6  ? 1 6  
# 
loop_
_chem_comp.id 
_chem_comp.type 
_chem_comp.mon_nstd_flag 
_chem_comp.name 
_chem_comp.pdbx_synonyms 
_chem_comp.formula 
_chem_comp.formula_weight 
DA 'DNA linking' y "2'-DEOXYADENOSINE-5'-MONOPHOSPHATE" ? 'C10 H14 N5 O6 P' 331.222 
DT 'DNA linking' y "THYMIDINE-5'-MONOPHOSPHATE"         ? 'C10 H15 N2 O8 P' 322.208 
# 
_exptl.absorpt_coefficient_mu     ? 
_exptl.absorpt_correction_T_max   ? 
_exptl.absorpt_correction_T_min   ? 
_exptl.absorpt_correction_type    ? 
_exptl.absorpt_process_details    ? 
_exptl.entry_id                   4U9M 
_exptl.crystals_number            ? 
_exptl.details                    ? 
_exptl.method                     'X-RAY DIFFRACTION' 
_exptl.method_details             ? 
# 
_exptl_crystal.colour                      ? 
_exptl_crystal.density_diffrn              ? 
_exptl_crystal.density_Matthews            2.92 
_exptl_crystal.density_method              ? 
_exptl_crystal.density_percent_sol         57.89 
_exptl_crystal.description                 ? 
_exptl_crystal.F_000                       ? 
_exptl_crystal.id                          1 
_exptl_crystal.preparation                 ? 
_exptl_crystal.size_max                    ? 
_exptl_crystal.size_mid                    ? 
_exptl_crystal.size_min                    ? 
_exptl_crystal.size_rad                    ? 
_exptl_crystal.colour_lustre               ? 
_exptl_crystal.colour_modifier             ? 
_exptl_crystal.colour_primary              ? 
_exptl_crystal.density_meas                ? 
_exptl_crystal.density_meas_esd            ? 
_exptl_crystal.density_meas_gt             ? 
_exptl_crystal.density_meas_lt             ? 
_exptl_crystal.density_meas_temp           ? 
_exptl_crystal.density_meas_temp_esd       ? 
_exptl_crystal.density_meas_temp_gt        ? 
_exptl_crystal.density_meas_temp_lt        ? 
_exptl_crystal.pdbx_crystal_image_url      ? 
_exptl_crystal.pdbx_crystal_image_format   ? 
_exptl_crystal.pdbx_mosaicity              ? 
_exptl_crystal.pdbx_mosaicity_esd          ? 
# 
_exptl_crystal_grow.apparatus       ? 
_exptl_crystal_grow.atmosphere      ? 
_exptl_crystal_grow.crystal_id      1 
_exptl_crystal_grow.details         ? 
_exptl_crystal_grow.method          'VAPOR DIFFUSION' 
_exptl_crystal_grow.method_ref      ? 
_exptl_crystal_grow.pH              6.5 
_exptl_crystal_grow.pressure        ? 
_exptl_crystal_grow.pressure_esd    ? 
_exptl_crystal_grow.seeding         ? 
_exptl_crystal_grow.seeding_ref     ? 
_exptl_crystal_grow.temp            286 
_exptl_crystal_grow.temp_details    ? 
_exptl_crystal_grow.temp_esd        ? 
_exptl_crystal_grow.time            ? 
_exptl_crystal_grow.pdbx_details    
;0.8mM of the oligonucleotide, 20mM sodium cacodylate buffer (pH = 6.5), 3mM spermine, 100mM N-ethylaniline hydrochloride and 5% MPD, equilibrated against a reservoir with 30% MPD.
;
_exptl_crystal_grow.pdbx_pH_range   ? 
# 
_diffrn.ambient_environment    ? 
_diffrn.ambient_temp           100 
_diffrn.ambient_temp_details   ? 
_diffrn.ambient_temp_esd       ? 
_diffrn.crystal_id             1 
_diffrn.crystal_support        ? 
_diffrn.crystal_treatment      ? 
_diffrn.details                ? 
_diffrn.id                     1 
_diffrn.ambient_pressure       ? 
_diffrn.ambient_pressure_esd   ? 
_diffrn.ambient_pressure_gt    ? 
_diffrn.ambient_pressure_lt    ? 
_diffrn.ambient_temp_gt        ? 
_diffrn.ambient_temp_lt        ? 
# 
_diffrn_detector.details                      ? 
_diffrn_detector.detector                     CCD 
_diffrn_detector.diffrn_id                    1 
_diffrn_detector.type                         'MAR CCD 165 mm' 
_diffrn_detector.area_resol_mean              ? 
_diffrn_detector.dtime                        ? 
_diffrn_detector.pdbx_frames_total            ? 
_diffrn_detector.pdbx_collection_time_total   ? 
_diffrn_detector.pdbx_collection_date         2005-03-18 
# 
_diffrn_radiation.collimation                      ? 
_diffrn_radiation.diffrn_id                        1 
_diffrn_radiation.filter_edge                      ? 
_diffrn_radiation.inhomogeneity                    ? 
_diffrn_radiation.monochromator                    'Double crystal monochromator Si(111)' 
_diffrn_radiation.polarisn_norm                    ? 
_diffrn_radiation.polarisn_ratio                   ? 
_diffrn_radiation.probe                            ? 
_diffrn_radiation.type                             ? 
_diffrn_radiation.xray_symbol                      ? 
_diffrn_radiation.wavelength_id                    1 
_diffrn_radiation.pdbx_monochromatic_or_laue_m_l   M 
_diffrn_radiation.pdbx_wavelength_list             ? 
_diffrn_radiation.pdbx_wavelength                  ? 
_diffrn_radiation.pdbx_diffrn_protocol             'SINGLE WAVELENGTH' 
_diffrn_radiation.pdbx_analyzer                    ? 
_diffrn_radiation.pdbx_scattering_type             x-ray 
# 
_diffrn_radiation_wavelength.id           1 
_diffrn_radiation_wavelength.wavelength   0.9762 
_diffrn_radiation_wavelength.wt           1.0 
# 
_diffrn_source.current                     ? 
_diffrn_source.details                     ? 
_diffrn_source.diffrn_id                   1 
_diffrn_source.power                       ? 
_diffrn_source.size                        ? 
_diffrn_source.source                      SYNCHROTRON 
_diffrn_source.target                      ? 
_diffrn_source.type                        'ESRF BEAMLINE BM16' 
_diffrn_source.voltage                     ? 
_diffrn_source.take-off_angle              ? 
_diffrn_source.pdbx_wavelength_list        0.9762 
_diffrn_source.pdbx_wavelength             ? 
_diffrn_source.pdbx_synchrotron_beamline   BM16 
_diffrn_source.pdbx_synchrotron_site       ESRF 
# 
_reflns.B_iso_Wilson_estimate            144 
_reflns.entry_id                         4U9M 
_reflns.data_reduction_details           ? 
_reflns.data_reduction_method            ? 
_reflns.d_resolution_high                3.13 
_reflns.d_resolution_low                 33.14 
_reflns.details                          ? 
_reflns.limit_h_max                      ? 
_reflns.limit_h_min                      ? 
_reflns.limit_k_max                      ? 
_reflns.limit_k_min                      ? 
_reflns.limit_l_max                      ? 
_reflns.limit_l_min                      ? 
_reflns.number_all                       ? 
_reflns.number_obs                       1888 
_reflns.observed_criterion               ? 
_reflns.observed_criterion_F_max         ? 
_reflns.observed_criterion_F_min         ? 
_reflns.observed_criterion_I_max         ? 
_reflns.observed_criterion_I_min         ? 
_reflns.observed_criterion_sigma_F       ? 
_reflns.observed_criterion_sigma_I       ? 
_reflns.percent_possible_obs             99.6 
_reflns.R_free_details                   ? 
_reflns.Rmerge_F_all                     ? 
_reflns.Rmerge_F_obs                     ? 
_reflns.Friedel_coverage                 ? 
_reflns.number_gt                        ? 
_reflns.threshold_expression             ? 
_reflns.pdbx_redundancy                  3.7 
_reflns.pdbx_Rmerge_I_obs                0.107 
_reflns.pdbx_Rmerge_I_all                ? 
_reflns.pdbx_Rsym_value                  ? 
_reflns.pdbx_netI_over_av_sigmaI         ? 
_reflns.pdbx_netI_over_sigmaI            7.48 
_reflns.pdbx_res_netI_over_av_sigmaI_2   ? 
_reflns.pdbx_res_netI_over_sigmaI_2      ? 
_reflns.pdbx_chi_squared                 ? 
_reflns.pdbx_scaling_rejects             ? 
_reflns.pdbx_d_res_high_opt              ? 
_reflns.pdbx_d_res_low_opt               ? 
_reflns.pdbx_d_res_opt_method            ? 
_reflns.phase_calculation_details        ? 
_reflns.pdbx_Rrim_I_all                  ? 
_reflns.pdbx_Rpim_I_all                  ? 
_reflns.pdbx_d_opt                       ? 
_reflns.pdbx_number_measured_all         ? 
_reflns.pdbx_diffrn_id                   1 
_reflns.pdbx_ordinal                     1 
_reflns.pdbx_CC_half                     ? 
_reflns.pdbx_R_split                     ? 
# 
_reflns_shell.d_res_high                  3.13 
_reflns_shell.d_res_low                   3.241 
_reflns_shell.meanI_over_sigI_all         ? 
_reflns_shell.meanI_over_sigI_obs         1.88 
_reflns_shell.number_measured_all         ? 
_reflns_shell.number_measured_obs         ? 
_reflns_shell.number_possible             ? 
_reflns_shell.number_unique_all           ? 
_reflns_shell.number_unique_obs           ? 
_reflns_shell.percent_possible_all        99.35 
_reflns_shell.percent_possible_obs        ? 
_reflns_shell.Rmerge_F_all                ? 
_reflns_shell.Rmerge_F_obs                ? 
_reflns_shell.Rmerge_I_all                ? 
_reflns_shell.Rmerge_I_obs                0.585 
_reflns_shell.meanI_over_sigI_gt          ? 
_reflns_shell.meanI_over_uI_all           ? 
_reflns_shell.meanI_over_uI_gt            ? 
_reflns_shell.number_measured_gt          ? 
_reflns_shell.number_unique_gt            ? 
_reflns_shell.percent_possible_gt         ? 
_reflns_shell.Rmerge_F_gt                 ? 
_reflns_shell.Rmerge_I_gt                 ? 
_reflns_shell.pdbx_redundancy             3.8 
_reflns_shell.pdbx_Rsym_value             ? 
_reflns_shell.pdbx_chi_squared            ? 
_reflns_shell.pdbx_netI_over_sigmaI_all   ? 
_reflns_shell.pdbx_netI_over_sigmaI_obs   ? 
_reflns_shell.pdbx_Rrim_I_all             ? 
_reflns_shell.pdbx_Rpim_I_all             ? 
_reflns_shell.pdbx_rejects                ? 
_reflns_shell.pdbx_ordinal                1 
_reflns_shell.pdbx_diffrn_id              1 
_reflns_shell.pdbx_CC_half                ? 
_reflns_shell.pdbx_R_split                ? 
# 
_refine.aniso_B[1][1]                            -9.92 
_refine.aniso_B[1][2]                            0.00 
_refine.aniso_B[1][3]                            93.61 
_refine.aniso_B[2][2]                            41.24 
_refine.aniso_B[2][3]                            0.00 
_refine.aniso_B[3][3]                            -31.32 
_refine.B_iso_max                                ? 
_refine.B_iso_mean                               138.561 
_refine.B_iso_min                                ? 
_refine.correlation_coeff_Fo_to_Fc               0.991 
_refine.correlation_coeff_Fo_to_Fc_free          0.973 
_refine.details                                  'HYDROGENS HAVE BEEN ADDED IN THE RIDING POSITIONS' 
_refine.diff_density_max                         ? 
_refine.diff_density_max_esd                     ? 
_refine.diff_density_min                         ? 
_refine.diff_density_min_esd                     ? 
_refine.diff_density_rms                         ? 
_refine.diff_density_rms_esd                     ? 
_refine.entry_id                                 4U9M 
_refine.pdbx_refine_id                           'X-RAY DIFFRACTION' 
_refine.ls_abs_structure_details                 ? 
_refine.ls_abs_structure_Flack                   ? 
_refine.ls_abs_structure_Flack_esd               ? 
_refine.ls_abs_structure_Rogers                  ? 
_refine.ls_abs_structure_Rogers_esd              ? 
_refine.ls_d_res_high                            3.13 
_refine.ls_d_res_low                             33.14 
_refine.ls_extinction_coef                       ? 
_refine.ls_extinction_coef_esd                   ? 
_refine.ls_extinction_expression                 ? 
_refine.ls_extinction_method                     ? 
_refine.ls_goodness_of_fit_all                   ? 
_refine.ls_goodness_of_fit_all_esd               ? 
_refine.ls_goodness_of_fit_obs                   ? 
_refine.ls_goodness_of_fit_obs_esd               ? 
_refine.ls_hydrogen_treatment                    ? 
_refine.ls_matrix_type                           ? 
_refine.ls_number_constraints                    ? 
_refine.ls_number_parameters                     ? 
_refine.ls_number_reflns_all                     ? 
_refine.ls_number_reflns_obs                     1773 
_refine.ls_number_reflns_R_free                  107 
_refine.ls_number_reflns_R_work                  ? 
_refine.ls_number_restraints                     ? 
_refine.ls_percent_reflns_obs                    99.26 
_refine.ls_percent_reflns_R_free                 5.7 
_refine.ls_R_factor_all                          ? 
_refine.ls_R_factor_obs                          0.14810 
_refine.ls_R_factor_R_free                       0.19979 
_refine.ls_R_factor_R_free_error                 ? 
_refine.ls_R_factor_R_free_error_details         ? 
_refine.ls_R_factor_R_work                       0.14582 
_refine.ls_R_Fsqd_factor_obs                     ? 
_refine.ls_R_I_factor_obs                        ? 
_refine.ls_redundancy_reflns_all                 ? 
_refine.ls_redundancy_reflns_obs                 ? 
_refine.ls_restrained_S_all                      ? 
_refine.ls_restrained_S_obs                      ? 
_refine.ls_shift_over_esd_max                    ? 
_refine.ls_shift_over_esd_mean                   ? 
_refine.ls_structure_factor_coef                 ? 
_refine.ls_weighting_details                     ? 
_refine.ls_weighting_scheme                      ? 
_refine.ls_wR_factor_all                         ? 
_refine.ls_wR_factor_obs                         ? 
_refine.ls_wR_factor_R_free                      ? 
_refine.ls_wR_factor_R_work                      ? 
_refine.occupancy_max                            ? 
_refine.occupancy_min                            ? 
_refine.solvent_model_details                    MASK 
_refine.solvent_model_param_bsol                 ? 
_refine.solvent_model_param_ksol                 ? 
_refine.ls_R_factor_gt                           ? 
_refine.ls_goodness_of_fit_gt                    ? 
_refine.ls_goodness_of_fit_ref                   ? 
_refine.ls_shift_over_su_max                     ? 
_refine.ls_shift_over_su_max_lt                  ? 
_refine.ls_shift_over_su_mean                    ? 
_refine.ls_shift_over_su_mean_lt                 ? 
_refine.pdbx_ls_sigma_I                          ? 
_refine.pdbx_ls_sigma_F                          ? 
_refine.pdbx_ls_sigma_Fsqd                       ? 
_refine.pdbx_data_cutoff_high_absF               ? 
_refine.pdbx_data_cutoff_high_rms_absF           ? 
_refine.pdbx_data_cutoff_low_absF                ? 
_refine.pdbx_isotropic_thermal_model             ? 
_refine.pdbx_ls_cross_valid_method               THROUGHOUT 
_refine.pdbx_method_to_determine_struct          'MOLECULAR REPLACEMENT' 
_refine.pdbx_starting_model                      'helical parameters taken from 2qs6, 1rsb' 
_refine.pdbx_stereochemistry_target_values       'MAXIMUM LIKELIHOOD' 
_refine.pdbx_R_Free_selection_details            RANDOM 
_refine.pdbx_stereochem_target_val_spec_case     ? 
_refine.pdbx_overall_ESU_R                       ? 
_refine.pdbx_overall_ESU_R_Free                  0.079 
_refine.pdbx_solvent_vdw_probe_radii             1.20 
_refine.pdbx_solvent_ion_probe_radii             0.80 
_refine.pdbx_solvent_shrinkage_radii             0.80 
_refine.pdbx_real_space_R                        ? 
_refine.pdbx_density_correlation                 ? 
_refine.pdbx_pd_number_of_powder_patterns        ? 
_refine.pdbx_pd_number_of_points                 ? 
_refine.pdbx_pd_meas_number_of_points            ? 
_refine.pdbx_pd_proc_ls_prof_R_factor            ? 
_refine.pdbx_pd_proc_ls_prof_wR_factor           ? 
_refine.pdbx_pd_Marquardt_correlation_coeff      ? 
_refine.pdbx_pd_Fsqrd_R_factor                   ? 
_refine.pdbx_pd_ls_matrix_band_width             ? 
_refine.pdbx_overall_phase_error                 ? 
_refine.pdbx_overall_SU_R_free_Cruickshank_DPI   ? 
_refine.pdbx_overall_SU_R_free_Blow_DPI          ? 
_refine.pdbx_overall_SU_R_Blow_DPI               ? 
_refine.pdbx_TLS_residual_ADP_flag               ? 
_refine.pdbx_diffrn_id                           1 
_refine.overall_SU_B                             24.326 
_refine.overall_SU_ML                            0.327 
_refine.overall_SU_R_Cruickshank_DPI             ? 
_refine.overall_SU_R_free                        ? 
_refine.overall_FOM_free_R_set                   ? 
_refine.overall_FOM_work_R_set                   ? 
# 
_refine_hist.pdbx_refine_id                   'X-RAY DIFFRACTION' 
_refine_hist.cycle_id                         1 
_refine_hist.pdbx_number_atoms_protein        0 
_refine_hist.pdbx_number_atoms_nucleic_acid   600 
_refine_hist.pdbx_number_atoms_ligand         0 
_refine_hist.number_atoms_solvent             0 
_refine_hist.number_atoms_total               600 
_refine_hist.d_res_high                       3.13 
_refine_hist.d_res_low                        33.14 
# 
loop_
_refine_ls_restr.pdbx_refine_id 
_refine_ls_restr.criterion 
_refine_ls_restr.dev_ideal 
_refine_ls_restr.dev_ideal_target 
_refine_ls_restr.number 
_refine_ls_restr.rejects 
_refine_ls_restr.type 
_refine_ls_restr.weight 
_refine_ls_restr.pdbx_restraint_function 
'X-RAY DIFFRACTION' ? 0.007  0.011  670  ? r_bond_refined_d             ? ? 
'X-RAY DIFFRACTION' ? 0.023  0.020  350  ? r_bond_other_d               ? ? 
'X-RAY DIFFRACTION' ? 0.939  1.178  1025 ? r_angle_refined_deg          ? ? 
'X-RAY DIFFRACTION' ? 6.678  3.000  830  ? r_angle_other_deg            ? ? 
'X-RAY DIFFRACTION' ? ?      ?      ?    ? r_dihedral_angle_1_deg       ? ? 
'X-RAY DIFFRACTION' ? ?      ?      ?    ? r_dihedral_angle_2_deg       ? ? 
'X-RAY DIFFRACTION' ? ?      ?      ?    ? r_dihedral_angle_3_deg       ? ? 
'X-RAY DIFFRACTION' ? ?      ?      ?    ? r_dihedral_angle_4_deg       ? ? 
'X-RAY DIFFRACTION' ? 0.068  0.200  90   ? r_chiral_restr               ? ? 
'X-RAY DIFFRACTION' ? 0.003  0.020  335  ? r_gen_planes_refined         ? ? 
'X-RAY DIFFRACTION' ? 0.001  0.020  110  ? r_gen_planes_other           ? ? 
'X-RAY DIFFRACTION' ? ?      ?      ?    ? r_nbd_refined                ? ? 
'X-RAY DIFFRACTION' ? ?      ?      ?    ? r_nbd_other                  ? ? 
'X-RAY DIFFRACTION' ? ?      ?      ?    ? r_nbtor_refined              ? ? 
'X-RAY DIFFRACTION' ? ?      ?      ?    ? r_nbtor_other                ? ? 
'X-RAY DIFFRACTION' ? ?      ?      ?    ? r_xyhbond_nbd_refined        ? ? 
'X-RAY DIFFRACTION' ? ?      ?      ?    ? r_xyhbond_nbd_other          ? ? 
'X-RAY DIFFRACTION' ? ?      ?      ?    ? r_metal_ion_refined          ? ? 
'X-RAY DIFFRACTION' ? ?      ?      ?    ? r_metal_ion_other            ? ? 
'X-RAY DIFFRACTION' ? ?      ?      ?    ? r_symmetry_vdw_refined       ? ? 
'X-RAY DIFFRACTION' ? ?      ?      ?    ? r_symmetry_vdw_other         ? ? 
'X-RAY DIFFRACTION' ? ?      ?      ?    ? r_symmetry_hbond_refined     ? ? 
'X-RAY DIFFRACTION' ? ?      ?      ?    ? r_symmetry_hbond_other       ? ? 
'X-RAY DIFFRACTION' ? ?      ?      ?    ? r_symmetry_metal_ion_refined ? ? 
'X-RAY DIFFRACTION' ? ?      ?      ?    ? r_symmetry_metal_ion_other   ? ? 
'X-RAY DIFFRACTION' ? ?      ?      ?    ? r_mcbond_it                  ? ? 
'X-RAY DIFFRACTION' ? ?      ?      ?    ? r_mcbond_other               ? ? 
'X-RAY DIFFRACTION' ? ?      ?      ?    ? r_mcangle_it                 ? ? 
'X-RAY DIFFRACTION' ? ?      ?      ?    ? r_mcangle_other              ? ? 
'X-RAY DIFFRACTION' ? 16.550 14.236 668  ? r_scbond_it                  ? ? 
'X-RAY DIFFRACTION' ? 16.542 14.241 667  ? r_scbond_other               ? ? 
'X-RAY DIFFRACTION' ? ?      ?      ?    ? r_scangle_it                 ? ? 
'X-RAY DIFFRACTION' ? 24.345 21.352 1024 ? r_scangle_other              ? ? 
'X-RAY DIFFRACTION' ? 26.712 ?      2892 ? r_long_range_B_refined       ? ? 
'X-RAY DIFFRACTION' ? 26.717 ?      2891 ? r_long_range_B_other         ? ? 
'X-RAY DIFFRACTION' ? ?      ?      ?    ? r_rigid_bond_restr           ? ? 
'X-RAY DIFFRACTION' ? ?      ?      ?    ? r_sphericity_free            ? ? 
'X-RAY DIFFRACTION' ? ?      ?      ?    ? r_sphericity_bonded          ? ? 
# 
_refine_ls_shell.pdbx_refine_id                   'X-RAY DIFFRACTION' 
_refine_ls_shell.d_res_high                       3.129 
_refine_ls_shell.d_res_low                        3.210 
_refine_ls_shell.number_reflns_all                ? 
_refine_ls_shell.number_reflns_obs                ? 
_refine_ls_shell.number_reflns_R_free             ? 
_refine_ls_shell.number_reflns_R_work             116 
_refine_ls_shell.percent_reflns_obs               96.83 
_refine_ls_shell.percent_reflns_R_free            ? 
_refine_ls_shell.R_factor_all                     ? 
_refine_ls_shell.R_factor_obs                     ? 
_refine_ls_shell.R_factor_R_free                  ? 
_refine_ls_shell.R_factor_R_free_error            ? 
_refine_ls_shell.R_factor_R_work                  ? 
_refine_ls_shell.redundancy_reflns_all            ? 
_refine_ls_shell.redundancy_reflns_obs            ? 
_refine_ls_shell.wR_factor_all                    ? 
_refine_ls_shell.wR_factor_obs                    ? 
_refine_ls_shell.wR_factor_R_free                 ? 
_refine_ls_shell.wR_factor_R_work                 ? 
_refine_ls_shell.pdbx_total_number_of_bins_used   ? 
_refine_ls_shell.pdbx_phase_error                 ? 
# 
_struct.entry_id                     4U9M 
_struct.title                        'Structure of the DNA duplex d(ATTAAT)2 with Hoogsteen hydrogen bonds' 
_struct.pdbx_model_details           ? 
_struct.pdbx_formula_weight          ? 
_struct.pdbx_formula_weight_method   ? 
_struct.pdbx_model_type_details      ? 
_struct.pdbx_CASP_flag               ? 
# 
_struct_keywords.entry_id        4U9M 
_struct_keywords.text            DNA 
_struct_keywords.pdbx_keywords   DNA 
# 
loop_
_struct_asym.id 
_struct_asym.pdbx_blank_PDB_chainid_flag 
_struct_asym.pdbx_modified 
_struct_asym.entity_id 
_struct_asym.details 
A N N 1 ? 
B N N 1 ? 
C N N 1 ? 
D N N 1 ? 
E N N 1 ? 
# 
loop_
_struct_conn.id 
_struct_conn.conn_type_id 
_struct_conn.pdbx_leaving_atom_flag 
_struct_conn.pdbx_PDB_id 
_struct_conn.ptnr1_label_asym_id 
_struct_conn.ptnr1_label_comp_id 
_struct_conn.ptnr1_label_seq_id 
_struct_conn.ptnr1_label_atom_id 
_struct_conn.pdbx_ptnr1_label_alt_id 
_struct_conn.pdbx_ptnr1_PDB_ins_code 
_struct_conn.pdbx_ptnr1_standard_comp_id 
_struct_conn.ptnr1_symmetry 
_struct_conn.ptnr2_label_asym_id 
_struct_conn.ptnr2_label_comp_id 
_struct_conn.ptnr2_label_seq_id 
_struct_conn.ptnr2_label_atom_id 
_struct_conn.pdbx_ptnr2_label_alt_id 
_struct_conn.pdbx_ptnr2_PDB_ins_code 
_struct_conn.ptnr1_auth_asym_id 
_struct_conn.ptnr1_auth_comp_id 
_struct_conn.ptnr1_auth_seq_id 
_struct_conn.ptnr2_auth_asym_id 
_struct_conn.ptnr2_auth_comp_id 
_struct_conn.ptnr2_auth_seq_id 
_struct_conn.ptnr2_symmetry 
_struct_conn.pdbx_ptnr3_label_atom_id 
_struct_conn.pdbx_ptnr3_label_seq_id 
_struct_conn.pdbx_ptnr3_label_comp_id 
_struct_conn.pdbx_ptnr3_label_asym_id 
_struct_conn.pdbx_ptnr3_label_alt_id 
_struct_conn.pdbx_ptnr3_PDB_ins_code 
_struct_conn.details 
_struct_conn.pdbx_dist_value 
_struct_conn.pdbx_value_order 
_struct_conn.pdbx_role 
hydrog1  hydrog ? ? A DA 1 N6 ? ? ? 1_555 B DT 6 O4 ? ? A DA 1 B DT 12 1_555 ? ? ? ? ? ? HOOGSTEEN    ? ? ? 
hydrog2  hydrog ? ? A DA 1 N7 ? ? ? 1_555 B DT 6 N3 ? ? A DA 1 B DT 12 1_555 ? ? ? ? ? ? HOOGSTEEN    ? ? ? 
hydrog3  hydrog ? ? A DT 2 N3 ? ? ? 1_555 B DA 5 N7 ? ? A DT 2 B DA 11 1_555 ? ? ? ? ? ? HOOGSTEEN    ? ? ? 
hydrog4  hydrog ? ? A DT 2 O4 ? ? ? 1_555 B DA 5 N6 ? ? A DT 2 B DA 11 1_555 ? ? ? ? ? ? HOOGSTEEN    ? ? ? 
hydrog5  hydrog ? ? A DT 3 N3 ? ? ? 1_555 B DA 4 N7 ? ? A DT 3 B DA 10 1_555 ? ? ? ? ? ? HOOGSTEEN    ? ? ? 
hydrog6  hydrog ? ? A DT 3 O4 ? ? ? 1_555 B DA 4 N6 ? ? A DT 3 B DA 10 1_555 ? ? ? ? ? ? HOOGSTEEN    ? ? ? 
hydrog7  hydrog ? ? A DA 4 N6 ? ? ? 1_555 B DT 3 O4 ? ? A DA 4 B DT 9  1_555 ? ? ? ? ? ? HOOGSTEEN    ? ? ? 
hydrog8  hydrog ? ? A DA 4 N7 ? ? ? 1_555 B DT 3 N3 ? ? A DA 4 B DT 9  1_555 ? ? ? ? ? ? HOOGSTEEN    ? ? ? 
hydrog9  hydrog ? ? A DA 5 N6 ? ? ? 1_555 B DT 2 O4 ? ? A DA 5 B DT 8  1_555 ? ? ? ? ? ? HOOGSTEEN    ? ? ? 
hydrog10 hydrog ? ? A DA 5 N7 ? ? ? 1_555 B DT 2 N3 ? ? A DA 5 B DT 8  1_555 ? ? ? ? ? ? HOOGSTEEN    ? ? ? 
hydrog11 hydrog ? ? A DT 6 N3 ? ? ? 1_555 B DA 1 N7 ? ? A DT 6 B DA 7  1_555 ? ? ? ? ? ? HOOGSTEEN    ? ? ? 
hydrog12 hydrog ? ? A DT 6 O4 ? ? ? 1_555 B DA 1 N6 ? ? A DT 6 B DA 7  1_555 ? ? ? ? ? ? HOOGSTEEN    ? ? ? 
hydrog13 hydrog ? ? C DA 1 N6 ? ? ? 1_555 D DT 6 O4 ? ? C DA 1 D DT 12 1_555 ? ? ? ? ? ? HOOGSTEEN    ? ? ? 
hydrog14 hydrog ? ? C DA 1 N7 ? ? ? 1_555 D DT 6 N3 ? ? C DA 1 D DT 12 1_555 ? ? ? ? ? ? HOOGSTEEN    ? ? ? 
hydrog15 hydrog ? ? C DT 2 N3 ? ? ? 1_555 D DA 5 N7 ? ? C DT 2 D DA 11 1_555 ? ? ? ? ? ? HOOGSTEEN    ? ? ? 
hydrog16 hydrog ? ? C DT 2 O4 ? ? ? 1_555 D DA 5 N6 ? ? C DT 2 D DA 11 1_555 ? ? ? ? ? ? HOOGSTEEN    ? ? ? 
hydrog17 hydrog ? ? C DT 3 N3 ? ? ? 1_555 D DA 4 N7 ? ? C DT 3 D DA 10 1_555 ? ? ? ? ? ? HOOGSTEEN    ? ? ? 
hydrog18 hydrog ? ? C DT 3 O4 ? ? ? 1_555 D DA 4 N6 ? ? C DT 3 D DA 10 1_555 ? ? ? ? ? ? HOOGSTEEN    ? ? ? 
hydrog19 hydrog ? ? C DA 4 N6 ? ? ? 1_555 D DT 2 O4 ? ? C DA 4 D DT 8  1_555 ? ? ? ? ? ? 'DA-DT PAIR' ? ? ? 
hydrog20 hydrog ? ? C DA 4 N6 ? ? ? 1_555 D DT 3 O4 ? ? C DA 4 D DT 9  1_555 ? ? ? ? ? ? HOOGSTEEN    ? ? ? 
hydrog21 hydrog ? ? C DA 4 N7 ? ? ? 1_555 D DT 3 N3 ? ? C DA 4 D DT 9  1_555 ? ? ? ? ? ? HOOGSTEEN    ? ? ? 
hydrog22 hydrog ? ? C DA 5 N6 ? ? ? 1_555 D DT 2 O4 ? ? C DA 5 D DT 8  1_555 ? ? ? ? ? ? HOOGSTEEN    ? ? ? 
hydrog23 hydrog ? ? C DA 5 N7 ? ? ? 1_555 D DT 2 N3 ? ? C DA 5 D DT 8  1_555 ? ? ? ? ? ? HOOGSTEEN    ? ? ? 
hydrog24 hydrog ? ? C DT 6 N3 ? ? ? 1_555 D DA 1 N7 ? ? C DT 6 D DA 7  1_555 ? ? ? ? ? ? HOOGSTEEN    ? ? ? 
hydrog25 hydrog ? ? C DT 6 O4 ? ? ? 1_555 D DA 1 N6 ? ? C DT 6 D DA 7  1_555 ? ? ? ? ? ? HOOGSTEEN    ? ? ? 
hydrog26 hydrog ? ? E DA 1 N6 ? ? ? 1_555 E DT 6 O4 ? ? E DA 1 E DT 6  2_756 ? ? ? ? ? ? HOOGSTEEN    ? ? ? 
hydrog27 hydrog ? ? E DA 1 N7 ? ? ? 1_555 E DT 6 N3 ? ? E DA 1 E DT 6  2_756 ? ? ? ? ? ? HOOGSTEEN    ? ? ? 
hydrog28 hydrog ? ? E DT 2 N3 ? ? ? 1_555 E DA 5 N7 ? ? E DT 2 E DA 5  2_756 ? ? ? ? ? ? HOOGSTEEN    ? ? ? 
hydrog29 hydrog ? ? E DT 2 O4 ? ? ? 1_555 E DA 5 N6 ? ? E DT 2 E DA 5  2_756 ? ? ? ? ? ? HOOGSTEEN    ? ? ? 
hydrog30 hydrog ? ? E DT 3 N3 ? ? ? 1_555 E DA 4 N7 ? ? E DT 3 E DA 4  2_756 ? ? ? ? ? ? HOOGSTEEN    ? ? ? 
hydrog31 hydrog ? ? E DT 3 O4 ? ? ? 1_555 E DA 4 N6 ? ? E DT 3 E DA 4  2_756 ? ? ? ? ? ? HOOGSTEEN    ? ? ? 
hydrog32 hydrog ? ? E DA 4 N6 ? ? ? 1_555 E DT 3 O4 ? ? E DA 4 E DT 3  2_756 ? ? ? ? ? ? HOOGSTEEN    ? ? ? 
hydrog33 hydrog ? ? E DA 4 N7 ? ? ? 1_555 E DT 3 N3 ? ? E DA 4 E DT 3  2_756 ? ? ? ? ? ? HOOGSTEEN    ? ? ? 
hydrog34 hydrog ? ? E DA 5 N6 ? ? ? 1_555 E DT 2 O4 ? ? E DA 5 E DT 2  2_756 ? ? ? ? ? ? HOOGSTEEN    ? ? ? 
hydrog35 hydrog ? ? E DA 5 N7 ? ? ? 1_555 E DT 2 N3 ? ? E DA 5 E DT 2  2_756 ? ? ? ? ? ? HOOGSTEEN    ? ? ? 
hydrog36 hydrog ? ? E DT 6 N3 ? ? ? 1_555 E DA 1 N7 ? ? E DT 6 E DA 1  2_756 ? ? ? ? ? ? HOOGSTEEN    ? ? ? 
hydrog37 hydrog ? ? E DT 6 O4 ? ? ? 1_555 E DA 1 N6 ? ? E DT 6 E DA 1  2_756 ? ? ? ? ? ? HOOGSTEEN    ? ? ? 
# 
_struct_conn_type.id          hydrog 
_struct_conn_type.criteria    ? 
_struct_conn_type.reference   ? 
# 
_atom_sites.entry_id                    4U9M 
_atom_sites.fract_transf_matrix[1][1]   -0.00029533 
_atom_sites.fract_transf_matrix[1][2]   0.03664030 
_atom_sites.fract_transf_matrix[1][3]   0.01700228 
_atom_sites.fract_transf_matrix[2][1]   -0.01605581 
_atom_sites.fract_transf_matrix[2][2]   0.00700697 
_atom_sites.fract_transf_matrix[2][3]   -0.01537907 
_atom_sites.fract_transf_matrix[3][1]   -0.00729157 
_atom_sites.fract_transf_matrix[3][2]   -0.00295787 
_atom_sites.fract_transf_matrix[3][3]   0.00626477 
_atom_sites.fract_transf_vector[1]      1.035884 
_atom_sites.fract_transf_vector[2]      0.102728 
_atom_sites.fract_transf_vector[3]      0.262671 
# 
loop_
_atom_type.symbol 
C 
N 
O 
P 
# 
loop_
_atom_site.group_PDB 
_atom_site.id 
_atom_site.type_symbol 
_atom_site.label_atom_id 
_atom_site.label_alt_id 
_atom_site.label_comp_id 
_atom_site.label_asym_id 
_atom_site.label_entity_id 
_atom_site.label_seq_id 
_atom_site.pdbx_PDB_ins_code 
_atom_site.Cartn_x 
_atom_site.Cartn_y 
_atom_site.Cartn_z 
_atom_site.occupancy 
_atom_site.B_iso_or_equiv 
_atom_site.pdbx_formal_charge 
_atom_site.auth_seq_id 
_atom_site.auth_comp_id 
_atom_site.auth_asym_id 
_atom_site.auth_atom_id 
_atom_site.pdbx_PDB_model_num 
ATOM 1   O "O5'" . DA A 1 1 ? 4.861   -4.582  -6.340  1.00 125.67 ? 1  DA A "O5'" 1 
ATOM 2   C "C5'" . DA A 1 1 ? 4.904   -4.792  -7.756  1.00 109.46 ? 1  DA A "C5'" 1 
ATOM 3   C "C4'" . DA A 1 1 ? 3.802   -4.012  -8.435  1.00 121.22 ? 1  DA A "C4'" 1 
ATOM 4   O "O4'" . DA A 1 1 ? 3.431   -2.886  -7.613  1.00 134.36 ? 1  DA A "O4'" 1 
ATOM 5   C "C3'" . DA A 1 1 ? 4.178   -3.416  -9.788  1.00 136.96 ? 1  DA A "C3'" 1 
ATOM 6   O "O3'" . DA A 1 1 ? 3.064   -3.406  -10.673 1.00 163.76 ? 1  DA A "O3'" 1 
ATOM 7   C "C2'" . DA A 1 1 ? 4.596   -2.000  -9.442  1.00 136.23 ? 1  DA A "C2'" 1 
ATOM 8   C "C1'" . DA A 1 1 ? 3.663   -1.663  -8.299  1.00 120.68 ? 1  DA A "C1'" 1 
ATOM 9   N N9    . DA A 1 1 ? 4.213   -0.709  -7.337  1.00 127.47 ? 1  DA A N9    1 
ATOM 10  C C8    . DA A 1 1 ? 3.815   0.588   -7.124  1.00 135.16 ? 1  DA A C8    1 
ATOM 11  N N7    . DA A 1 1 ? 4.498   1.202   -6.193  1.00 138.81 ? 1  DA A N7    1 
ATOM 12  C C5    . DA A 1 1 ? 5.409   0.249   -5.763  1.00 126.33 ? 1  DA A C5    1 
ATOM 13  C C6    . DA A 1 1 ? 6.417   0.287   -4.785  1.00 135.21 ? 1  DA A C6    1 
ATOM 14  N N6    . DA A 1 1 ? 6.676   1.379   -4.044  1.00 179.70 ? 1  DA A N6    1 
ATOM 15  N N1    . DA A 1 1 ? 7.150   -0.833  -4.594  1.00 124.75 ? 1  DA A N1    1 
ATOM 16  C C2    . DA A 1 1 ? 6.874   -1.910  -5.349  1.00 132.02 ? 1  DA A C2    1 
ATOM 17  N N3    . DA A 1 1 ? 5.948   -2.064  -6.300  1.00 111.15 ? 1  DA A N3    1 
ATOM 18  C C4    . DA A 1 1 ? 5.243   -0.934  -6.456  1.00 115.01 ? 1  DA A C4    1 
ATOM 19  P P     . DT A 1 2 ? 3.274   -3.072  -12.232 1.00 197.40 ? 2  DT A P     1 
ATOM 20  O OP1   . DT A 1 2 ? 2.030   -3.429  -12.966 1.00 208.93 ? 2  DT A OP1   1 
ATOM 21  O OP2   . DT A 1 2 ? 4.540   -3.701  -12.655 1.00 216.95 ? 2  DT A OP2   1 
ATOM 22  O "O5'" . DT A 1 2 ? 3.436   -1.487  -12.253 1.00 124.36 ? 2  DT A "O5'" 1 
ATOM 23  C "C5'" . DT A 1 2 ? 2.304   -0.653  -11.983 1.00 117.50 ? 2  DT A "C5'" 1 
ATOM 24  C "C4'" . DT A 1 2 ? 2.715   0.792   -11.854 1.00 131.38 ? 2  DT A "C4'" 1 
ATOM 25  O "O4'" . DT A 1 2 ? 3.492   0.995   -10.652 1.00 130.47 ? 2  DT A "O4'" 1 
ATOM 26  C "C3'" . DT A 1 2 ? 3.558   1.337   -13.006 1.00 132.94 ? 2  DT A "C3'" 1 
ATOM 27  O "O3'" . DT A 1 2 ? 2.970   2.552   -13.511 1.00 129.73 ? 2  DT A "O3'" 1 
ATOM 28  C "C2'" . DT A 1 2 ? 4.901   1.646   -12.366 1.00 152.52 ? 2  DT A "C2'" 1 
ATOM 29  C "C1'" . DT A 1 2 ? 4.476   1.962   -10.947 1.00 132.81 ? 2  DT A "C1'" 1 
ATOM 30  N N1    . DT A 1 2 ? 5.519   1.892   -9.904  1.00 139.81 ? 2  DT A N1    1 
ATOM 31  C C2    . DT A 1 2 ? 5.624   2.963   -9.047  1.00 154.74 ? 2  DT A C2    1 
ATOM 32  O O2    . DT A 1 2 ? 4.902   3.947   -9.118  1.00 181.67 ? 2  DT A O2    1 
ATOM 33  N N3    . DT A 1 2 ? 6.614   2.845   -8.105  1.00 165.79 ? 2  DT A N3    1 
ATOM 34  C C4    . DT A 1 2 ? 7.483   1.786   -7.934  1.00 141.28 ? 2  DT A C4    1 
ATOM 35  O O4    . DT A 1 2 ? 8.320   1.821   -7.036  1.00 145.14 ? 2  DT A O4    1 
ATOM 36  C C5    . DT A 1 2 ? 7.316   0.699   -8.860  1.00 151.69 ? 2  DT A C5    1 
ATOM 37  C C7    . DT A 1 2 ? 8.214   -0.494  -8.747  1.00 162.68 ? 2  DT A C7    1 
ATOM 38  C C6    . DT A 1 2 ? 6.355   0.801   -9.788  1.00 153.12 ? 2  DT A C6    1 
ATOM 39  P P     . DT A 1 3 ? 3.393   3.124   -14.933 1.00 166.31 ? 3  DT A P     1 
ATOM 40  O OP1   . DT A 1 3 ? 2.188   3.106   -15.810 1.00 153.90 ? 3  DT A OP1   1 
ATOM 41  O OP2   . DT A 1 3 ? 4.638   2.413   -15.363 1.00 213.53 ? 3  DT A OP2   1 
ATOM 42  O "O5'" . DT A 1 3 ? 3.783   4.635   -14.619 1.00 132.82 ? 3  DT A "O5'" 1 
ATOM 43  C "C5'" . DT A 1 3 ? 2.762   5.588   -14.302 1.00 130.13 ? 3  DT A "C5'" 1 
ATOM 44  C "C4'" . DT A 1 3 ? 3.353   6.755   -13.539 1.00 138.14 ? 3  DT A "C4'" 1 
ATOM 45  O "O4'" . DT A 1 3 ? 4.194   6.260   -12.463 1.00 145.95 ? 3  DT A "O4'" 1 
ATOM 46  C "C3'" . DT A 1 3 ? 4.220   7.698   -14.369 1.00 130.99 ? 3  DT A "C3'" 1 
ATOM 47  O "O3'" . DT A 1 3 ? 3.770   9.041   -14.210 1.00 157.93 ? 3  DT A "O3'" 1 
ATOM 48  C "C2'" . DT A 1 3 ? 5.601   7.505   -13.796 1.00 118.34 ? 3  DT A "C2'" 1 
ATOM 49  C "C1'" . DT A 1 3 ? 5.335   7.070   -12.374 1.00 116.60 ? 3  DT A "C1'" 1 
ATOM 50  N N1    . DT A 1 3 ? 6.417   6.276   -11.743 1.00 146.87 ? 3  DT A N1    1 
ATOM 51  C C2    . DT A 1 3 ? 7.052   6.804   -10.640 1.00 165.02 ? 3  DT A C2    1 
ATOM 52  O O2    . DT A 1 3 ? 6.764   7.886   -10.158 1.00 214.65 ? 3  DT A O2    1 
ATOM 53  N N3    . DT A 1 3 ? 8.047   6.013   -10.120 1.00 156.34 ? 3  DT A N3    1 
ATOM 54  C C4    . DT A 1 3 ? 8.454   4.772   -10.578 1.00 149.59 ? 3  DT A C4    1 
ATOM 55  O O4    . DT A 1 3 ? 9.364   4.175   -10.006 1.00 135.89 ? 3  DT A O4    1 
ATOM 56  C C5    . DT A 1 3 ? 7.746   4.282   -11.737 1.00 162.75 ? 3  DT A C5    1 
ATOM 57  C C7    . DT A 1 3 ? 8.123   2.949   -12.303 1.00 157.53 ? 3  DT A C7    1 
ATOM 58  C C6    . DT A 1 3 ? 6.775   5.048   -12.255 1.00 166.43 ? 3  DT A C6    1 
ATOM 59  P P     . DA A 1 4 ? 4.290   10.219  -15.164 1.00 180.00 ? 4  DA A P     1 
ATOM 60  O OP1   . DA A 1 4 ? 3.132   10.749  -15.920 1.00 157.66 ? 4  DA A OP1   1 
ATOM 61  O OP2   . DA A 1 4 ? 5.447   9.722   -15.898 1.00 197.77 ? 4  DA A OP2   1 
ATOM 62  O "O5'" . DA A 1 4 ? 4.768   11.336  -14.134 1.00 155.69 ? 4  DA A "O5'" 1 
ATOM 63  C "C5'" . DA A 1 4 ? 5.148   11.011  -12.778 1.00 161.51 ? 4  DA A "C5'" 1 
ATOM 64  C "C4'" . DA A 1 4 ? 6.578   11.414  -12.491 1.00 159.83 ? 4  DA A "C4'" 1 
ATOM 65  O "O4'" . DA A 1 4 ? 7.334   10.307  -11.954 1.00 173.60 ? 4  DA A "O4'" 1 
ATOM 66  C "C3'" . DA A 1 4 ? 7.374   11.916  -13.696 1.00 137.34 ? 4  DA A "C3'" 1 
ATOM 67  O "O3'" . DA A 1 4 ? 7.559   13.325  -13.601 1.00 124.79 ? 4  DA A "O3'" 1 
ATOM 68  C "C2'" . DA A 1 4 ? 8.672   11.124  -13.650 1.00 144.41 ? 4  DA A "C2'" 1 
ATOM 69  C "C1'" . DA A 1 4 ? 8.684   10.548  -12.250 1.00 149.66 ? 4  DA A "C1'" 1 
ATOM 70  N N9    . DA A 1 4 ? 9.431   9.302   -12.075 1.00 148.07 ? 4  DA A N9    1 
ATOM 71  C C8    . DA A 1 4 ? 10.323  9.022   -11.068 1.00 150.17 ? 4  DA A C8    1 
ATOM 72  N N7    . DA A 1 4 ? 10.860  7.829   -11.155 1.00 143.72 ? 4  DA A N7    1 
ATOM 73  C C5    . DA A 1 4 ? 10.278  7.285   -12.292 1.00 139.40 ? 4  DA A C5    1 
ATOM 74  C C6    . DA A 1 4 ? 10.428  6.038   -12.927 1.00 145.18 ? 4  DA A C6    1 
ATOM 75  N N6    . DA A 1 4 ? 11.237  5.074   -12.481 1.00 166.83 ? 4  DA A N6    1 
ATOM 76  N N1    . DA A 1 4 ? 9.706   5.811   -14.044 1.00 113.61 ? 4  DA A N1    1 
ATOM 77  C C2    . DA A 1 4 ? 8.898   6.778   -14.491 1.00 137.54 ? 4  DA A C2    1 
ATOM 78  N N3    . DA A 1 4 ? 8.674   7.991   -13.984 1.00 141.95 ? 4  DA A N3    1 
ATOM 79  C C4    . DA A 1 4 ? 9.401   8.183   -12.871 1.00 140.94 ? 4  DA A C4    1 
ATOM 80  P P     . DA A 1 5 ? 8.672   14.081  -14.429 1.00 175.12 ? 5  DA A P     1 
ATOM 81  O OP1   . DA A 1 5 ? 8.355   15.540  -14.413 1.00 196.33 ? 5  DA A OP1   1 
ATOM 82  O OP2   . DA A 1 5 ? 8.795   13.380  -15.720 1.00 184.86 ? 5  DA A OP2   1 
ATOM 83  O "O5'" . DA A 1 5 ? 9.985   13.872  -13.552 1.00 154.63 ? 5  DA A "O5'" 1 
ATOM 84  C "C5'" . DA A 1 5 ? 9.938   13.981  -12.122 1.00 146.97 ? 5  DA A "C5'" 1 
ATOM 85  C "C4'" . DA A 1 5 ? 11.235  13.534  -11.488 1.00 140.33 ? 5  DA A "C4'" 1 
ATOM 86  O "O4'" . DA A 1 5 ? 11.477  12.125  -11.699 1.00 137.34 ? 5  DA A "O4'" 1 
ATOM 87  C "C3'" . DA A 1 5 ? 12.482  14.246  -11.995 1.00 148.03 ? 5  DA A "C3'" 1 
ATOM 88  O "O3'" . DA A 1 5 ? 13.157  14.876  -10.895 1.00 160.25 ? 5  DA A "O3'" 1 
ATOM 89  C "C2'" . DA A 1 5 ? 13.335  13.136  -12.601 1.00 144.28 ? 5  DA A "C2'" 1 
ATOM 90  C "C1'" . DA A 1 5 ? 12.880  11.967  -11.765 1.00 134.79 ? 5  DA A "C1'" 1 
ATOM 91  N N9    . DA A 1 5 ? 13.175  10.638  -12.299 1.00 148.68 ? 5  DA A N9    1 
ATOM 92  C C8    . DA A 1 5 ? 14.096  9.759   -11.787 1.00 152.48 ? 5  DA A C8    1 
ATOM 93  N N7    . DA A 1 5 ? 14.176  8.633   -12.454 1.00 171.22 ? 5  DA A N7    1 
ATOM 94  C C5    . DA A 1 5 ? 13.245  8.780   -13.472 1.00 151.08 ? 5  DA A C5    1 
ATOM 95  C C6    . DA A 1 5 ? 12.852  7.933   -14.524 1.00 147.93 ? 5  DA A C6    1 
ATOM 96  N N6    . DA A 1 5 ? 13.365  6.716   -14.725 1.00 193.50 ? 5  DA A N6    1 
ATOM 97  N N1    . DA A 1 5 ? 11.902  8.381   -15.370 1.00 106.51 ? 5  DA A N1    1 
ATOM 98  C C2    . DA A 1 5 ? 11.390  9.600   -15.167 1.00 128.23 ? 5  DA A C2    1 
ATOM 99  N N3    . DA A 1 5 ? 11.680  10.492  -14.217 1.00 134.55 ? 5  DA A N3    1 
ATOM 100 C C4    . DA A 1 5 ? 12.625  10.012  -13.392 1.00 143.87 ? 5  DA A C4    1 
ATOM 101 P P     . DT A 1 6 ? 14.378  15.855  -11.155 1.00 147.04 ? 6  DT A P     1 
ATOM 102 O OP1   . DT A 1 6 ? 14.607  16.659  -9.937  1.00 156.70 ? 6  DT A OP1   1 
ATOM 103 O OP2   . DT A 1 6 ? 14.115  16.564  -12.405 1.00 167.87 ? 6  DT A OP2   1 
ATOM 104 O "O5'" . DT A 1 6 ? 15.611  14.863  -11.330 1.00 123.06 ? 6  DT A "O5'" 1 
ATOM 105 C "C5'" . DT A 1 6 ? 16.007  14.000  -10.254 1.00 123.85 ? 6  DT A "C5'" 1 
ATOM 106 C "C4'" . DT A 1 6 ? 17.173  13.139  -10.671 1.00 133.60 ? 6  DT A "C4'" 1 
ATOM 107 O "O4'" . DT A 1 6 ? 16.675  11.989  -11.413 1.00 109.44 ? 6  DT A "O4'" 1 
ATOM 108 C "C3'" . DT A 1 6 ? 18.220  13.835  -11.568 1.00 128.27 ? 6  DT A "C3'" 1 
ATOM 109 O "O3'" . DT A 1 6 ? 19.499  13.852  -10.975 1.00 130.60 ? 6  DT A "O3'" 1 
ATOM 110 C "C2'" . DT A 1 6 ? 18.291  12.952  -12.788 1.00 139.34 ? 6  DT A "C2'" 1 
ATOM 111 C "C1'" . DT A 1 6 ? 17.701  11.624  -12.305 1.00 127.64 ? 6  DT A "C1'" 1 
ATOM 112 N N1    . DT A 1 6 ? 17.129  10.773  -13.359 1.00 114.26 ? 6  DT A N1    1 
ATOM 113 C C2    . DT A 1 6 ? 17.654  9.515   -13.527 1.00 117.96 ? 6  DT A C2    1 
ATOM 114 O O2    . DT A 1 6 ? 18.567  9.079   -12.844 1.00 123.41 ? 6  DT A O2    1 
ATOM 115 N N3    . DT A 1 6 ? 17.082  8.785   -14.545 1.00 115.55 ? 6  DT A N3    1 
ATOM 116 C C4    . DT A 1 6 ? 16.058  9.184   -15.384 1.00 105.87 ? 6  DT A C4    1 
ATOM 117 O O4    . DT A 1 6 ? 15.643  8.424   -16.252 1.00 100.00 ? 6  DT A O4    1 
ATOM 118 C C5    . DT A 1 6 ? 15.559  10.518  -15.153 1.00 122.27 ? 6  DT A C5    1 
ATOM 119 C C7    . DT A 1 6 ? 14.455  11.040  -16.016 1.00 135.97 ? 6  DT A C7    1 
ATOM 120 C C6    . DT A 1 6 ? 16.111  11.237  -14.167 1.00 123.56 ? 6  DT A C6    1 
ATOM 121 O "O5'" . DA B 1 1 ? 22.665  1.223   -15.519 1.00 118.03 ? 7  DA B "O5'" 1 
ATOM 122 C "C5'" . DA B 1 1 ? 22.264  0.995   -14.175 1.00 141.34 ? 7  DA B "C5'" 1 
ATOM 123 C "C4'" . DA B 1 1 ? 22.576  2.179   -13.308 1.00 136.90 ? 7  DA B "C4'" 1 
ATOM 124 O "O4'" . DA B 1 1 ? 22.136  3.431   -13.932 1.00 144.07 ? 7  DA B "O4'" 1 
ATOM 125 C "C3'" . DA B 1 1 ? 22.000  2.171   -11.904 1.00 140.32 ? 7  DA B "C3'" 1 
ATOM 126 O "O3'" . DA B 1 1 ? 22.890  2.694   -10.932 1.00 118.71 ? 7  DA B "O3'" 1 
ATOM 127 C "C2'" . DA B 1 1 ? 20.796  3.065   -12.065 1.00 147.16 ? 7  DA B "C2'" 1 
ATOM 128 C "C1'" . DA B 1 1 ? 21.298  4.118   -13.018 1.00 135.88 ? 7  DA B "C1'" 1 
ATOM 129 N N9    . DA B 1 1 ? 20.260  4.822   -13.771 1.00 140.70 ? 7  DA B N9    1 
ATOM 130 C C8    . DA B 1 1 ? 19.711  6.047   -13.486 1.00 119.87 ? 7  DA B C8    1 
ATOM 131 N N7    . DA B 1 1 ? 18.789  6.424   -14.334 1.00 124.65 ? 7  DA B N7    1 
ATOM 132 C C5    . DA B 1 1 ? 18.723  5.377   -15.240 1.00 145.59 ? 7  DA B C5    1 
ATOM 133 C C6    . DA B 1 1 ? 17.938  5.169   -16.391 1.00 142.92 ? 7  DA B C6    1 
ATOM 134 N N6    . DA B 1 1 ? 17.025  6.036   -16.835 1.00 143.75 ? 7  DA B N6    1 
ATOM 135 N N1    . DA B 1 1 ? 18.136  4.030   -17.088 1.00 157.61 ? 7  DA B N1    1 
ATOM 136 C C2    . DA B 1 1 ? 19.047  3.155   -16.642 1.00 153.87 ? 7  DA B C2    1 
ATOM 137 N N3    . DA B 1 1 ? 19.834  3.230   -15.568 1.00 137.07 ? 7  DA B N3    1 
ATOM 138 C C4    . DA B 1 1 ? 19.620  4.381   -14.904 1.00 152.91 ? 7  DA B C4    1 
ATOM 139 P P     . DT B 1 2 ? 22.623  2.469   -9.364  1.00 146.75 ? 8  DT B P     1 
ATOM 140 O OP1   . DT B 1 2 ? 23.806  2.850   -8.575  1.00 135.34 ? 8  DT B OP1   1 
ATOM 141 O OP2   . DT B 1 2 ? 22.059  1.118   -9.172  1.00 148.50 ? 8  DT B OP2   1 
ATOM 142 O "O5'" . DT B 1 2 ? 21.545  3.582   -9.070  1.00 107.98 ? 8  DT B "O5'" 1 
ATOM 143 C "C5'" . DT B 1 2 ? 21.765  4.692   -8.220  1.00 97.69  ? 8  DT B "C5'" 1 
ATOM 144 C "C4'" . DT B 1 2 ? 20.626  5.678   -8.334  1.00 131.34 ? 8  DT B "C4'" 1 
ATOM 145 O "O4'" . DT B 1 2 ? 19.903  5.551   -9.578  1.00 156.51 ? 8  DT B "O4'" 1 
ATOM 146 C "C3'" . DT B 1 2 ? 19.561  5.578   -7.244  1.00 147.55 ? 8  DT B "C3'" 1 
ATOM 147 O "O3'" . DT B 1 2 ? 19.847  6.511   -6.198  1.00 136.12 ? 8  DT B "O3'" 1 
ATOM 148 C "C2'" . DT B 1 2 ? 18.264  5.904   -7.969  1.00 146.62 ? 8  DT B "C2'" 1 
ATOM 149 C "C1'" . DT B 1 2 ? 18.694  6.245   -9.382  1.00 151.23 ? 8  DT B "C1'" 1 
ATOM 150 N N1    . DT B 1 2 ? 17.745  5.857   -10.449 1.00 149.64 ? 8  DT B N1    1 
ATOM 151 C C2    . DT B 1 2 ? 16.879  6.826   -10.906 1.00 179.01 ? 8  DT B C2    1 
ATOM 152 O O2    . DT B 1 2 ? 16.875  7.972   -10.482 1.00 209.00 ? 8  DT B O2    1 
ATOM 153 N N3    . DT B 1 2 ? 16.015  6.405   -11.884 1.00 170.30 ? 8  DT B N3    1 
ATOM 154 C C4    . DT B 1 2 ? 15.938  5.144   -12.444 1.00 132.89 ? 8  DT B C4    1 
ATOM 155 O O4    . DT B 1 2 ? 15.114  4.916   -13.329 1.00 162.52 ? 8  DT B O4    1 
ATOM 156 C C5    . DT B 1 2 ? 16.868  4.179   -11.917 1.00 143.46 ? 8  DT B C5    1 
ATOM 157 C C7    . DT B 1 2 ? 16.854  2.785   -12.462 1.00 133.04 ? 8  DT B C7    1 
ATOM 158 C C6    . DT B 1 2 ? 17.713  4.577   -10.955 1.00 149.60 ? 8  DT B C6    1 
ATOM 159 P P     . DT B 1 3 ? 19.004  6.515   -4.849  1.00 166.01 ? 9  DT B P     1 
ATOM 160 O OP1   . DT B 1 3 ? 19.876  5.984   -3.767  1.00 156.66 ? 9  DT B OP1   1 
ATOM 161 O OP2   . DT B 1 3 ? 17.695  5.858   -5.113  1.00 204.05 ? 9  DT B OP2   1 
ATOM 162 O "O5'" . DT B 1 3 ? 18.738  8.069   -4.589  1.00 125.71 ? 9  DT B "O5'" 1 
ATOM 163 C "C5'" . DT B 1 3 ? 18.513  8.977   -5.664  1.00 129.30 ? 9  DT B "C5'" 1 
ATOM 164 C "C4'" . DT B 1 3 ? 17.059  9.391   -5.735  1.00 136.11 ? 9  DT B "C4'" 1 
ATOM 165 O "O4'" . DT B 1 3 ? 16.423  8.797   -6.896  1.00 118.98 ? 9  DT B "O4'" 1 
ATOM 166 C "C3'" . DT B 1 3 ? 16.186  9.019   -4.525  1.00 133.55 ? 9  DT B "C3'" 1 
ATOM 167 O "O3'" . DT B 1 3 ? 15.766  10.209  -3.869  1.00 148.46 ? 9  DT B "O3'" 1 
ATOM 168 C "C2'" . DT B 1 3 ? 15.037  8.250   -5.137  1.00 139.24 ? 9  DT B "C2'" 1 
ATOM 169 C "C1'" . DT B 1 3 ? 15.059  8.653   -6.594  1.00 135.00 ? 9  DT B "C1'" 1 
ATOM 170 N N1    . DT B 1 3 ? 14.476  7.676   -7.536  1.00 146.88 ? 9  DT B N1    1 
ATOM 171 C C2    . DT B 1 3 ? 13.468  8.100   -8.374  1.00 147.10 ? 9  DT B C2    1 
ATOM 172 O O2    . DT B 1 3 ? 13.038  9.240   -8.378  1.00 163.45 ? 9  DT B O2    1 
ATOM 173 N N3    . DT B 1 3 ? 12.982  7.133   -9.220  1.00 145.55 ? 9  DT B N3    1 
ATOM 174 C C4    . DT B 1 3 ? 13.394  5.816   -9.304  1.00 135.48 ? 9  DT B C4    1 
ATOM 175 O O4    . DT B 1 3 ? 12.864  5.061   -10.118 1.00 154.91 ? 9  DT B O4    1 
ATOM 176 C C5    . DT B 1 3 ? 14.451  5.440   -8.399  1.00 132.73 ? 9  DT B C5    1 
ATOM 177 C C7    . DT B 1 3 ? 14.962  4.036   -8.424  1.00 143.59 ? 9  DT B C7    1 
ATOM 178 C C6    . DT B 1 3 ? 14.932  6.375   -7.571  1.00 132.20 ? 9  DT B C6    1 
ATOM 179 P P     . DA B 1 4 ? 14.680  10.194  -2.714  1.00 157.98 ? 10 DA B P     1 
ATOM 180 O OP1   . DA B 1 4 ? 14.900  11.393  -1.849  1.00 168.59 ? 10 DA B OP1   1 
ATOM 181 O OP2   . DA B 1 4 ? 14.642  8.827   -2.129  1.00 187.14 ? 10 DA B OP2   1 
ATOM 182 O "O5'" . DA B 1 4 ? 13.334  10.433  -3.511  1.00 134.17 ? 10 DA B "O5'" 1 
ATOM 183 C "C5'" . DA B 1 4 ? 13.209  11.460  -4.499  1.00 114.04 ? 10 DA B "C5'" 1 
ATOM 184 C "C4'" . DA B 1 4 ? 11.796  11.499  -5.030  1.00 136.69 ? 10 DA B "C4'" 1 
ATOM 185 O "O4'" . DA B 1 4 ? 11.597  10.450  -6.015  1.00 144.81 ? 10 DA B "O4'" 1 
ATOM 186 C "C3'" . DA B 1 4 ? 10.699  11.308  -3.979  1.00 134.80 ? 10 DA B "C3'" 1 
ATOM 187 O "O3'" . DA B 1 4 ? 9.708   12.325  -4.155  1.00 156.84 ? 10 DA B "O3'" 1 
ATOM 188 C "C2'" . DA B 1 4 ? 10.174  9.920   -4.278  1.00 132.32 ? 10 DA B "C2'" 1 
ATOM 189 C "C1'" . DA B 1 4 ? 10.336  9.876   -5.782  1.00 136.51 ? 10 DA B "C1'" 1 
ATOM 190 N N9    . DA B 1 4 ? 10.292  8.560   -6.409  1.00 154.54 ? 10 DA B N9    1 
ATOM 191 C C8    . DA B 1 4 ? 9.536   8.203   -7.499  1.00 144.41 ? 10 DA B C8    1 
ATOM 192 N N7    . DA B 1 4 ? 9.683   6.952   -7.857  1.00 137.24 ? 10 DA B N7    1 
ATOM 193 C C5    . DA B 1 4 ? 10.599  6.449   -6.945  1.00 152.26 ? 10 DA B C5    1 
ATOM 194 C C6    . DA B 1 4 ? 11.172  5.177   -6.786  1.00 172.78 ? 10 DA B C6    1 
ATOM 195 N N6    . DA B 1 4 ? 10.899  4.139   -7.583  1.00 196.66 ? 10 DA B N6    1 
ATOM 196 N N1    . DA B 1 4 ? 12.051  5.006   -5.773  1.00 140.70 ? 10 DA B N1    1 
ATOM 197 C C2    . DA B 1 4 ? 12.321  6.045   -4.978  1.00 134.11 ? 10 DA B C2    1 
ATOM 198 N N3    . DA B 1 4 ? 11.846  7.289   -5.026  1.00 150.79 ? 10 DA B N3    1 
ATOM 199 C C4    . DA B 1 4 ? 10.980  7.428   -6.044  1.00 161.07 ? 10 DA B C4    1 
ATOM 200 P P     . DA B 1 5 ? 8.259   12.203  -3.515  1.00 176.96 ? 11 DA B P     1 
ATOM 201 O OP1   . DA B 1 5 ? 7.659   13.560  -3.455  1.00 156.84 ? 11 DA B OP1   1 
ATOM 202 O OP2   . DA B 1 5 ? 8.367   11.387  -2.289  1.00 213.27 ? 11 DA B OP2   1 
ATOM 203 O "O5'" . DA B 1 5 ? 7.469   11.379  -4.608  1.00 145.84 ? 11 DA B "O5'" 1 
ATOM 204 C "C5'" . DA B 1 5 ? 7.165   11.925  -5.907  1.00 143.67 ? 11 DA B "C5'" 1 
ATOM 205 C "C4'" . DA B 1 5 ? 6.042   11.146  -6.541  1.00 154.34 ? 11 DA B "C4'" 1 
ATOM 206 O "O4'" . DA B 1 5 ? 6.484   9.816   -6.853  1.00 160.28 ? 11 DA B "O4'" 1 
ATOM 207 C "C3'" . DA B 1 5 ? 4.815   10.970  -5.637  1.00 145.49 ? 11 DA B "C3'" 1 
ATOM 208 O "O3'" . DA B 1 5 ? 3.626   11.247  -6.387  1.00 159.73 ? 11 DA B "O3'" 1 
ATOM 209 C "C2'" . DA B 1 5 ? 4.873   9.509   -5.210  1.00 137.14 ? 11 DA B "C2'" 1 
ATOM 210 C "C1'" . DA B 1 5 ? 5.475   8.902   -6.460  1.00 143.46 ? 11 DA B "C1'" 1 
ATOM 211 N N9    . DA B 1 5 ? 6.075   7.579   -6.321  1.00 152.67 ? 11 DA B N9    1 
ATOM 212 C C8    . DA B 1 5 ? 5.801   6.493   -7.114  1.00 163.94 ? 11 DA B C8    1 
ATOM 213 N N7    . DA B 1 5 ? 6.482   5.421   -6.793  1.00 165.93 ? 11 DA B N7    1 
ATOM 214 C C5    . DA B 1 5 ? 7.248   5.824   -5.707  1.00 139.53 ? 11 DA B C5    1 
ATOM 215 C C6    . DA B 1 5 ? 8.184   5.147   -4.906  1.00 127.23 ? 11 DA B C6    1 
ATOM 216 N N6    . DA B 1 5 ? 8.519   3.868   -5.078  1.00 143.42 ? 11 DA B N6    1 
ATOM 217 N N1    . DA B 1 5 ? 8.774   5.838   -3.913  1.00 122.69 ? 11 DA B N1    1 
ATOM 218 C C2    . DA B 1 5 ? 8.443   7.125   -3.740  1.00 128.76 ? 11 DA B C2    1 
ATOM 219 N N3    . DA B 1 5 ? 7.581   7.873   -4.429  1.00 123.77 ? 11 DA B N3    1 
ATOM 220 C C4    . DA B 1 5 ? 7.010   7.153   -5.409  1.00 138.18 ? 11 DA B C4    1 
ATOM 221 P P     . DT B 1 6 ? 2.208   11.221  -5.705  1.00 190.07 ? 12 DT B P     1 
ATOM 222 O OP1   . DT B 1 6 ? 1.391   12.300  -6.342  1.00 201.04 ? 12 DT B OP1   1 
ATOM 223 O OP2   . DT B 1 6 ? 2.409   11.197  -4.230  1.00 195.97 ? 12 DT B OP2   1 
ATOM 224 O "O5'" . DT B 1 6 ? 1.620   9.805   -6.147  1.00 179.99 ? 12 DT B "O5'" 1 
ATOM 225 C "C5'" . DT B 1 6 ? 0.976   9.647   -7.430  1.00 155.42 ? 12 DT B "C5'" 1 
ATOM 226 C "C4'" . DT B 1 6 ? 0.670   8.189   -7.680  1.00 156.76 ? 12 DT B "C4'" 1 
ATOM 227 O "O4'" . DT B 1 6 ? 1.822   7.390   -7.314  1.00 150.55 ? 12 DT B "O4'" 1 
ATOM 228 C "C3'" . DT B 1 6 ? -0.514  7.639   -6.878  1.00 152.31 ? 12 DT B "C3'" 1 
ATOM 229 O "O3'" . DT B 1 6 ? -1.525  7.112   -7.696  1.00 122.14 ? 12 DT B "O3'" 1 
ATOM 230 C "C2'" . DT B 1 6 ? 0.089   6.532   -6.044  1.00 160.40 ? 12 DT B "C2'" 1 
ATOM 231 C "C1'" . DT B 1 6 ? 1.369   6.176   -6.770  1.00 141.15 ? 12 DT B "C1'" 1 
ATOM 232 N N1    . DT B 1 6 ? 2.446   5.620   -5.924  1.00 150.12 ? 12 DT B N1    1 
ATOM 233 C C2    . DT B 1 6 ? 2.932   4.368   -6.231  1.00 169.24 ? 12 DT B C2    1 
ATOM 234 O O2    . DT B 1 6 ? 2.514   3.699   -7.164  1.00 161.43 ? 12 DT B O2    1 
ATOM 235 N N3    . DT B 1 6 ? 3.931   3.922   -5.402  1.00 190.15 ? 12 DT B N3    1 
ATOM 236 C C4    . DT B 1 6 ? 4.485   4.583   -4.326  1.00 189.10 ? 12 DT B C4    1 
ATOM 237 O O4    . DT B 1 6 ? 5.390   4.045   -3.680  1.00 160.46 ? 12 DT B O4    1 
ATOM 238 C C5    . DT B 1 6 ? 3.928   5.898   -4.060  1.00 193.23 ? 12 DT B C5    1 
ATOM 239 C C7    . DT B 1 6 ? 4.458   6.691   -2.909  1.00 208.51 ? 12 DT B C7    1 
ATOM 240 C C6    . DT B 1 6 ? 2.949   6.342   -4.863  1.00 160.13 ? 12 DT B C6    1 
ATOM 241 O "O5'" . DA C 1 1 ? -0.148  3.841   -8.725  1.00 147.68 ? 1  DA C "O5'" 1 
ATOM 242 C "C5'" . DA C 1 1 ? -0.807  2.957   -7.816  1.00 156.39 ? 1  DA C "C5'" 1 
ATOM 243 C "C4'" . DA C 1 1 ? -0.484  1.518   -8.114  1.00 149.90 ? 1  DA C "C4'" 1 
ATOM 244 O "O4'" . DA C 1 1 ? 0.721   1.071   -7.412  1.00 134.12 ? 1  DA C "O4'" 1 
ATOM 245 C "C3'" . DA C 1 1 ? -1.565  0.512   -7.759  1.00 147.20 ? 1  DA C "C3'" 1 
ATOM 246 O "O3'" . DA C 1 1 ? -1.650  -0.542  -8.708  1.00 147.38 ? 1  DA C "O3'" 1 
ATOM 247 C "C2'" . DA C 1 1 ? -1.086  -0.015  -6.418  1.00 145.52 ? 1  DA C "C2'" 1 
ATOM 248 C "C1'" . DA C 1 1 ? 0.405   -0.075  -6.649  1.00 127.93 ? 1  DA C "C1'" 1 
ATOM 249 N N9    . DA C 1 1 ? 1.227   -0.058  -5.441  1.00 141.61 ? 1  DA C N9    1 
ATOM 250 C C8    . DA C 1 1 ? 1.998   -1.086  -4.962  1.00 171.05 ? 1  DA C C8    1 
ATOM 251 N N7    . DA C 1 1 ? 2.642   -0.793  -3.860  1.00 170.25 ? 1  DA C N7    1 
ATOM 252 C C5    . DA C 1 1 ? 2.263   0.514   -3.588  1.00 160.70 ? 1  DA C C5    1 
ATOM 253 C C6    . DA C 1 1 ? 2.597   1.401   -2.548  1.00 148.16 ? 1  DA C C6    1 
ATOM 254 N N6    . DA C 1 1 ? 3.428   1.091   -1.546  1.00 169.49 ? 1  DA C N6    1 
ATOM 255 N N1    . DA C 1 1 ? 2.046   2.632   -2.571  1.00 121.90 ? 1  DA C N1    1 
ATOM 256 C C2    . DA C 1 1 ? 1.221   2.943   -3.576  1.00 128.01 ? 1  DA C C2    1 
ATOM 257 N N3    . DA C 1 1 ? 0.832   2.198   -4.611  1.00 125.48 ? 1  DA C N3    1 
ATOM 258 C C4    . DA C 1 1 ? 1.395   0.980   -4.555  1.00 146.70 ? 1  DA C C4    1 
ATOM 259 P P     . DT C 1 2 ? -3.007  -1.365  -8.918  1.00 139.49 ? 2  DT C P     1 
ATOM 260 O OP1   . DT C 1 2 ? -2.676  -2.660  -9.576  1.00 107.41 ? 2  DT C OP1   1 
ATOM 261 O OP2   . DT C 1 2 ? -3.992  -0.456  -9.549  1.00 134.26 ? 2  DT C OP2   1 
ATOM 262 O "O5'" . DT C 1 2 ? -3.456  -1.673  -7.435  1.00 158.08 ? 2  DT C "O5'" 1 
ATOM 263 C "C5'" . DT C 1 2 ? -3.912  -2.976  -7.020  1.00 138.39 ? 2  DT C "C5'" 1 
ATOM 264 C "C4'" . DT C 1 2 ? -2.734  -3.849  -6.651  1.00 119.73 ? 2  DT C "C4'" 1 
ATOM 265 O "O4'" . DT C 1 2 ? -1.756  -3.089  -5.902  1.00 120.63 ? 2  DT C "O4'" 1 
ATOM 266 C "C3'" . DT C 1 2 ? -3.096  -5.051  -5.781  1.00 123.71 ? 2  DT C "C3'" 1 
ATOM 267 O "O3'" . DT C 1 2 ? -2.631  -6.266  -6.370  1.00 138.55 ? 2  DT C "O3'" 1 
ATOM 268 C "C2'" . DT C 1 2 ? -2.395  -4.780  -4.460  1.00 123.23 ? 2  DT C "C2'" 1 
ATOM 269 C "C1'" . DT C 1 2 ? -1.239  -3.905  -4.875  1.00 127.52 ? 2  DT C "C1'" 1 
ATOM 270 N N1    . DT C 1 2 ? -0.707  -3.033  -3.802  1.00 138.51 ? 2  DT C N1    1 
ATOM 271 C C2    . DT C 1 2 ? 0.396   -3.472  -3.106  1.00 146.43 ? 2  DT C C2    1 
ATOM 272 O O2    . DT C 1 2 ? 0.949   -4.533  -3.338  1.00 177.24 ? 2  DT C O2    1 
ATOM 273 N N3    . DT C 1 2 ? 0.821   -2.624  -2.114  1.00 159.87 ? 2  DT C N3    1 
ATOM 274 C C4    . DT C 1 2 ? 0.271   -1.402  -1.767  1.00 147.32 ? 2  DT C C4    1 
ATOM 275 O O4    . DT C 1 2 ? 0.768   -0.745  -0.854  1.00 165.80 ? 2  DT C O4    1 
ATOM 276 C C5    . DT C 1 2 ? -0.882  -1.004  -2.539  1.00 139.91 ? 2  DT C C5    1 
ATOM 277 C C7    . DT C 1 2 ? -1.548  0.295   -2.223  1.00 132.73 ? 2  DT C C7    1 
ATOM 278 C C6    . DT C 1 2 ? -1.310  -1.829  -3.503  1.00 143.16 ? 2  DT C C6    1 
ATOM 279 P P     . DT C 1 3 ? -3.233  -7.671  -5.897  1.00 172.05 ? 3  DT C P     1 
ATOM 280 O OP1   . DT C 1 3 ? -4.042  -8.239  -7.005  1.00 179.06 ? 3  DT C OP1   1 
ATOM 281 O OP2   . DT C 1 3 ? -3.848  -7.486  -4.573  1.00 147.50 ? 3  DT C OP2   1 
ATOM 282 O "O5'" . DT C 1 3 ? -1.938  -8.579  -5.745  1.00 145.82 ? 3  DT C "O5'" 1 
ATOM 283 C "C5'" . DT C 1 3 ? -0.717  -8.061  -5.171  1.00 135.80 ? 3  DT C "C5'" 1 
ATOM 284 C "C4'" . DT C 1 3 ? -0.548  -8.527  -3.744  1.00 144.16 ? 3  DT C "C4'" 1 
ATOM 285 O "O4'" . DT C 1 3 ? -0.402  -7.391  -2.871  1.00 149.26 ? 3  DT C "O4'" 1 
ATOM 286 C "C3'" . DT C 1 3 ? -1.693  -9.365  -3.156  1.00 135.02 ? 3  DT C "C3'" 1 
ATOM 287 O "O3'" . DT C 1 3 ? -1.224  -10.681 -2.878  1.00 153.38 ? 3  DT C "O3'" 1 
ATOM 288 C "C2'" . DT C 1 3 ? -2.128  -8.604  -1.919  1.00 129.55 ? 3  DT C "C2'" 1 
ATOM 289 C "C1'" . DT C 1 3 ? -0.926  -7.737  -1.612  1.00 144.97 ? 3  DT C "C1'" 1 
ATOM 290 N N1    . DT C 1 3 ? -1.185  -6.482  -0.870  1.00 145.77 ? 3  DT C N1    1 
ATOM 291 C C2    . DT C 1 3 ? -0.339  -6.160  0.166   1.00 138.01 ? 3  DT C C2    1 
ATOM 292 O O2    . DT C 1 3 ? 0.594   -6.870  0.513   1.00 124.36 ? 3  DT C O2    1 
ATOM 293 N N3    . DT C 1 3 ? -0.632  -4.977  0.796   1.00 147.16 ? 3  DT C N3    1 
ATOM 294 C C4    . DT C 1 3 ? -1.654  -4.099  0.490   1.00 156.64 ? 3  DT C C4    1 
ATOM 295 O O4    . DT C 1 3 ? -1.794  -3.069  1.150   1.00 164.18 ? 3  DT C O4    1 
ATOM 296 C C5    . DT C 1 3 ? -2.496  -4.497  -0.616  1.00 165.14 ? 3  DT C C5    1 
ATOM 297 C C7    . DT C 1 3 ? -3.630  -3.610  -1.020  1.00 197.05 ? 3  DT C C7    1 
ATOM 298 C C6    . DT C 1 3 ? -2.220  -5.649  -1.234  1.00 142.42 ? 3  DT C C6    1 
ATOM 299 P P     . DA C 1 4 ? -2.104  -11.750 -2.128  1.00 163.09 ? 4  DA C P     1 
ATOM 300 O OP1   . DA C 1 4 ? -1.627  -13.104 -2.555  1.00 177.22 ? 4  DA C OP1   1 
ATOM 301 O OP2   . DA C 1 4 ? -3.520  -11.367 -2.325  1.00 173.43 ? 4  DA C OP2   1 
ATOM 302 O "O5'" . DA C 1 4 ? -1.707  -11.537 -0.601  1.00 126.68 ? 4  DA C "O5'" 1 
ATOM 303 C "C5'" . DA C 1 4 ? -0.342  -11.333 -0.230  1.00 122.79 ? 4  DA C "C5'" 1 
ATOM 304 C "C4'" . DA C 1 4 ? -0.236  -10.851 1.198   1.00 142.63 ? 4  DA C "C4'" 1 
ATOM 305 O "O4'" . DA C 1 4 ? -0.598  -9.457  1.310   1.00 144.04 ? 4  DA C "O4'" 1 
ATOM 306 C "C3'" . DA C 1 4 ? -1.114  -11.602 2.211   1.00 129.83 ? 4  DA C "C3'" 1 
ATOM 307 O "O3'" . DA C 1 4 ? -0.268  -12.361 3.079   1.00 145.28 ? 4  DA C "O3'" 1 
ATOM 308 C "C2'" . DA C 1 4 ? -1.850  -10.501 2.949   1.00 130.05 ? 4  DA C "C2'" 1 
ATOM 309 C "C1'" . DA C 1 4 ? -1.022  -9.268  2.636   1.00 141.13 ? 4  DA C "C1'" 1 
ATOM 310 N N9    . DA C 1 4 ? -1.722  -7.988  2.721   1.00 159.69 ? 4  DA C N9    1 
ATOM 311 C C8    . DA C 1 4 ? -1.395  -6.933  3.536   1.00 161.97 ? 4  DA C C8    1 
ATOM 312 N N7    . DA C 1 4 ? -2.202  -5.907  3.419   1.00 158.49 ? 4  DA C N7    1 
ATOM 313 C C5    . DA C 1 4 ? -3.119  -6.311  2.459   1.00 164.53 ? 4  DA C C5    1 
ATOM 314 C C6    . DA C 1 4 ? -4.234  -5.673  1.888   1.00 157.58 ? 4  DA C C6    1 
ATOM 315 N N6    . DA C 1 4 ? -4.622  -4.436  2.209   1.00 170.45 ? 4  DA C N6    1 
ATOM 316 N N1    . DA C 1 4 ? -4.941  -6.355  0.961   1.00 141.36 ? 4  DA C N1    1 
ATOM 317 C C2    . DA C 1 4 ? -4.550  -7.591  0.639   1.00 147.71 ? 4  DA C C2    1 
ATOM 318 N N3    . DA C 1 4 ? -3.522  -8.298  1.107   1.00 154.45 ? 4  DA C N3    1 
ATOM 319 C C4    . DA C 1 4 ? -2.839  -7.594  2.026   1.00 167.67 ? 4  DA C C4    1 
ATOM 320 P P     . DA C 1 5 ? -0.841  -13.204 4.278   1.00 188.40 ? 5  DA C P     1 
ATOM 321 O OP1   . DA C 1 5 ? 0.151   -14.270 4.608   1.00 199.03 ? 5  DA C OP1   1 
ATOM 322 O OP2   . DA C 1 5 ? -2.238  -13.556 3.946   1.00 215.71 ? 5  DA C OP2   1 
ATOM 323 O "O5'" . DA C 1 5 ? -0.874  -12.165 5.468   1.00 154.29 ? 5  DA C "O5'" 1 
ATOM 324 C "C5'" . DA C 1 5 ? 0.231   -11.269 5.696   1.00 136.68 ? 5  DA C "C5'" 1 
ATOM 325 C "C4'" . DA C 1 5 ? -0.118  -10.277 6.774   1.00 143.90 ? 5  DA C "C4'" 1 
ATOM 326 O "O4'" . DA C 1 5 ? -0.894  -9.189  6.237   1.00 157.80 ? 5  DA C "O4'" 1 
ATOM 327 C "C3'" . DA C 1 5 ? -0.947  -10.848 7.930   1.00 131.05 ? 5  DA C "C3'" 1 
ATOM 328 O "O3'" . DA C 1 5 ? -0.149  -10.810 9.118   1.00 130.56 ? 5  DA C "O3'" 1 
ATOM 329 C "C2'" . DA C 1 5 ? -2.172  -9.943  8.002   1.00 128.79 ? 5  DA C "C2'" 1 
ATOM 330 C "C1'" . DA C 1 5 ? -1.688  -8.698  7.291   1.00 151.34 ? 5  DA C "C1'" 1 
ATOM 331 N N9    . DA C 1 5 ? -2.720  -7.826  6.733   1.00 149.19 ? 5  DA C N9    1 
ATOM 332 C C8    . DA C 1 5 ? -2.932  -6.514  7.064   1.00 144.36 ? 5  DA C C8    1 
ATOM 333 N N7    . DA C 1 5 ? -3.923  -5.956  6.411   1.00 152.54 ? 5  DA C N7    1 
ATOM 334 C C5    . DA C 1 5 ? -4.398  -6.973  5.596   1.00 156.36 ? 5  DA C C5    1 
ATOM 335 C C6    . DA C 1 5 ? -5.445  -7.023  4.658   1.00 151.72 ? 5  DA C C6    1 
ATOM 336 N N6    . DA C 1 5 ? -6.232  -5.986  4.370   1.00 141.88 ? 5  DA C N6    1 
ATOM 337 N N1    . DA C 1 5 ? -5.653  -8.190  4.013   1.00 154.70 ? 5  DA C N1    1 
ATOM 338 C C2    . DA C 1 5 ? -4.858  -9.232  4.297   1.00 163.88 ? 5  DA C C2    1 
ATOM 339 N N3    . DA C 1 5 ? -3.845  -9.310  5.159   1.00 167.44 ? 5  DA C N3    1 
ATOM 340 C C4    . DA C 1 5 ? -3.665  -8.131  5.783   1.00 162.07 ? 5  DA C C4    1 
ATOM 341 P P     . DT C 1 6 ? -0.758  -11.157 10.518  1.00 154.06 ? 6  DT C P     1 
ATOM 342 O OP1   . DT C 1 6 ? 0.327   -11.720 11.349  1.00 175.48 ? 6  DT C OP1   1 
ATOM 343 O OP2   . DT C 1 6 ? -2.007  -11.913 10.300  1.00 183.78 ? 6  DT C OP2   1 
ATOM 344 O "O5'" . DT C 1 6 ? -1.102  -9.724  11.118  1.00 114.78 ? 6  DT C "O5'" 1 
ATOM 345 C "C5'" . DT C 1 6 ? -2.153  -9.547  12.102  1.00 136.83 ? 6  DT C "C5'" 1 
ATOM 346 C "C4'" . DT C 1 6 ? -2.379  -8.072  12.332  1.00 136.49 ? 6  DT C "C4'" 1 
ATOM 347 O "O4'" . DT C 1 6 ? -2.924  -7.482  11.124  1.00 129.67 ? 6  DT C "O4'" 1 
ATOM 348 C "C3'" . DT C 1 6 ? -3.357  -7.726  13.444  1.00 127.79 ? 6  DT C "C3'" 1 
ATOM 349 O "O3'" . DT C 1 6 ? -2.912  -6.581  14.178  1.00 105.31 ? 6  DT C "O3'" 1 
ATOM 350 C "C2'" . DT C 1 6 ? -4.627  -7.417  12.687  1.00 139.94 ? 6  DT C "C2'" 1 
ATOM 351 C "C1'" . DT C 1 6 ? -4.107  -6.781  11.418  1.00 122.23 ? 6  DT C "C1'" 1 
ATOM 352 N N1    . DT C 1 6 ? -5.008  -6.894  10.249  1.00 136.33 ? 6  DT C N1    1 
ATOM 353 C C2    . DT C 1 6 ? -5.689  -5.767  9.843   1.00 146.82 ? 6  DT C C2    1 
ATOM 354 O O2    . DT C 1 6 ? -5.579  -4.682  10.392  1.00 120.92 ? 6  DT C O2    1 
ATOM 355 N N3    . DT C 1 6 ? -6.501  -5.955  8.755   1.00 178.36 ? 6  DT C N3    1 
ATOM 356 C C4    . DT C 1 6 ? -6.695  -7.118  8.038   1.00 189.32 ? 6  DT C C4    1 
ATOM 357 O O4    . DT C 1 6 ? -7.459  -7.120  7.069   1.00 192.23 ? 6  DT C O4    1 
ATOM 358 C C5    . DT C 1 6 ? -5.954  -8.263  8.520   1.00 175.37 ? 6  DT C C5    1 
ATOM 359 C C7    . DT C 1 6 ? -6.100  -9.573  7.815   1.00 170.86 ? 6  DT C C7    1 
ATOM 360 C C6    . DT C 1 6 ? -5.163  -8.097  9.590   1.00 153.69 ? 6  DT C C6    1 
ATOM 361 O "O5'" . DA D 1 1 ? -11.088 1.233   7.304   1.00 131.21 ? 7  DA D "O5'" 1 
ATOM 362 C "C5'" . DA D 1 1 ? -11.671 1.355   8.605   1.00 134.16 ? 7  DA D "C5'" 1 
ATOM 363 C "C4'" . DA D 1 1 ? -10.601 1.283   9.669   1.00 138.78 ? 7  DA D "C4'" 1 
ATOM 364 O "O4'" . DA D 1 1 ? -10.207 -0.096  9.859   1.00 134.14 ? 7  DA D "O4'" 1 
ATOM 365 C "C3'" . DA D 1 1 ? -9.314  2.036   9.349   1.00 137.67 ? 7  DA D "C3'" 1 
ATOM 366 O "O3'" . DA D 1 1 ? -8.740  2.585   10.534  1.00 135.52 ? 7  DA D "O3'" 1 
ATOM 367 C "C2'" . DA D 1 1 ? -8.417  0.964   8.769   1.00 123.95 ? 7  DA D "C2'" 1 
ATOM 368 C "C1'" . DA D 1 1 ? -8.825  -0.259  9.561   1.00 114.29 ? 7  DA D "C1'" 1 
ATOM 369 N N9    . DA D 1 1 ? -8.676  -1.524  8.839   1.00 117.47 ? 7  DA D N9    1 
ATOM 370 C C8    . DA D 1 1 ? -7.838  -2.563  9.140   1.00 123.36 ? 7  DA D C8    1 
ATOM 371 N N7    . DA D 1 1 ? -7.925  -3.563  8.304   1.00 125.90 ? 7  DA D N7    1 
ATOM 372 C C5    . DA D 1 1 ? -8.884  -3.159  7.390   1.00 115.06 ? 7  DA D C5    1 
ATOM 373 C C6    . DA D 1 1 ? -9.426  -3.783  6.256   1.00 109.38 ? 7  DA D C6    1 
ATOM 374 N N6    . DA D 1 1 ? -9.055  -5.004  5.843   1.00 146.91 ? 7  DA D N6    1 
ATOM 375 N N1    . DA D 1 1 ? -10.366 -3.109  5.557   1.00 106.35 ? 7  DA D N1    1 
ATOM 376 C C2    . DA D 1 1 ? -10.735 -1.895  5.992   1.00 109.09 ? 7  DA D C2    1 
ATOM 377 N N3    . DA D 1 1 ? -10.296 -1.208  7.047   1.00 91.43  ? 7  DA D N3    1 
ATOM 378 C C4    . DA D 1 1 ? -9.358  -1.905  7.708   1.00 100.97 ? 7  DA D C4    1 
ATOM 379 P P     . DT D 1 2 ? -7.389  3.442   10.451  1.00 163.65 ? 8  DT D P     1 
ATOM 380 O OP1   . DT D 1 2 ? -7.184  4.113   11.755  1.00 182.19 ? 8  DT D OP1   1 
ATOM 381 O OP2   . DT D 1 2 ? -7.474  4.276   9.241   1.00 168.48 ? 8  DT D OP2   1 
ATOM 382 O "O5'" . DT D 1 2 ? -6.254  2.333   10.279  1.00 122.09 ? 8  DT D "O5'" 1 
ATOM 383 C "C5'" . DT D 1 2 ? -5.929  1.487   11.384  1.00 120.55 ? 8  DT D "C5'" 1 
ATOM 384 C "C4'" . DT D 1 2 ? -4.907  0.450   10.986  1.00 123.22 ? 8  DT D "C4'" 1 
ATOM 385 O "O4'" . DT D 1 2 ? -5.451  -0.434  9.970   1.00 111.20 ? 8  DT D "O4'" 1 
ATOM 386 C "C3'" . DT D 1 2 ? -3.589  0.993   10.435  1.00 123.97 ? 8  DT D "C3'" 1 
ATOM 387 O "O3'" . DT D 1 2 ? -2.518  0.516   11.251  1.00 142.75 ? 8  DT D "O3'" 1 
ATOM 388 C "C2'" . DT D 1 2 ? -3.502  0.375   9.063   1.00 125.46 ? 8  DT D "C2'" 1 
ATOM 389 C "C1'" . DT D 1 2 ? -4.359  -0.863  9.202   1.00 105.15 ? 8  DT D "C1'" 1 
ATOM 390 N N1    . DT D 1 2 ? -4.873  -1.453  7.952   1.00 108.59 ? 8  DT D N1    1 
ATOM 391 C C2    . DT D 1 2 ? -4.463  -2.728  7.638   1.00 130.68 ? 8  DT D C2    1 
ATOM 392 O O2    . DT D 1 2 ? -3.710  -3.380  8.340   1.00 165.02 ? 8  DT D O2    1 
ATOM 393 N N3    . DT D 1 2 ? -4.978  -3.222  6.463   1.00 143.09 ? 8  DT D N3    1 
ATOM 394 C C4    . DT D 1 2 ? -5.837  -2.578  5.594   1.00 114.16 ? 8  DT D C4    1 
ATOM 395 O O4    . DT D 1 2 ? -6.218  -3.150  4.578   1.00 118.34 ? 8  DT D O4    1 
ATOM 396 C C5    . DT D 1 2 ? -6.236  -1.253  5.989   1.00 106.93 ? 8  DT D C5    1 
ATOM 397 C C7    . DT D 1 2 ? -7.178  -0.490  5.116   1.00 125.44 ? 8  DT D C7    1 
ATOM 398 C C6    . DT D 1 2 ? -5.737  -0.760  7.131   1.00 110.28 ? 8  DT D C6    1 
ATOM 399 P P     . DT D 1 3 ? -1.109  1.273   11.293  1.00 166.69 ? 9  DT D P     1 
ATOM 400 O OP1   . DT D 1 3 ? -0.239  0.620   12.296  1.00 136.50 ? 9  DT D OP1   1 
ATOM 401 O OP2   . DT D 1 3 ? -1.385  2.712   11.427  1.00 164.93 ? 9  DT D OP2   1 
ATOM 402 O "O5'" . DT D 1 3 ? -0.519  0.966   9.855   1.00 158.41 ? 9  DT D "O5'" 1 
ATOM 403 C "C5'" . DT D 1 3 ? 0.858   0.570   9.673   1.00 137.93 ? 9  DT D "C5'" 1 
ATOM 404 C "C4'" . DT D 1 3 ? 0.988   -0.933  9.793   1.00 121.36 ? 9  DT D "C4'" 1 
ATOM 405 O "O4'" . DT D 1 3 ? -0.115  -1.576  9.098   1.00 133.91 ? 9  DT D "O4'" 1 
ATOM 406 C "C3'" . DT D 1 3 ? 2.257   -1.499  9.176   1.00 146.29 ? 9  DT D "C3'" 1 
ATOM 407 O "O3'" . DT D 1 3 ? 2.844   -2.526  9.980   1.00 144.40 ? 9  DT D "O3'" 1 
ATOM 408 C "C2'" . DT D 1 3 ? 1.777   -2.033  7.842   1.00 154.05 ? 9  DT D "C2'" 1 
ATOM 409 C "C1'" . DT D 1 3 ? 0.384   -2.522  8.172   1.00 123.52 ? 9  DT D "C1'" 1 
ATOM 410 N N1    . DT D 1 3 ? -0.541  -2.567  7.016   1.00 124.38 ? 9  DT D N1    1 
ATOM 411 C C2    . DT D 1 3 ? -0.705  -3.769  6.367   1.00 135.79 ? 9  DT D C2    1 
ATOM 412 O O2    . DT D 1 3 ? -0.134  -4.793  6.704   1.00 152.38 ? 9  DT D O2    1 
ATOM 413 N N3    . DT D 1 3 ? -1.564  -3.728  5.295   1.00 133.45 ? 9  DT D N3    1 
ATOM 414 C C4    . DT D 1 3 ? -2.266  -2.631  4.827   1.00 125.23 ? 9  DT D C4    1 
ATOM 415 O O4    . DT D 1 3 ? -3.012  -2.748  3.856   1.00 144.06 ? 9  DT D O4    1 
ATOM 416 C C5    . DT D 1 3 ? -2.045  -1.405  5.551   1.00 133.64 ? 9  DT D C5    1 
ATOM 417 C C7    . DT D 1 3 ? -2.763  -0.165  5.110   1.00 149.60 ? 9  DT D C7    1 
ATOM 418 C C6    . DT D 1 3 ? -1.198  -1.432  6.591   1.00 128.26 ? 9  DT D C6    1 
ATOM 419 P P     . DA D 1 4 ? 4.422   -2.853  9.841   1.00 160.53 ? 10 DA D P     1 
ATOM 420 O OP1   . DA D 1 4 ? 5.066   -2.552  11.136  1.00 175.73 ? 10 DA D OP1   1 
ATOM 421 O OP2   . DA D 1 4 ? 4.922   -2.227  8.606   1.00 168.85 ? 10 DA D OP2   1 
ATOM 422 O "O5'" . DA D 1 4 ? 4.472   -4.418  9.633   1.00 137.23 ? 10 DA D "O5'" 1 
ATOM 423 C "C5'" . DA D 1 4 ? 3.403   -5.128  8.940   1.00 166.42 ? 10 DA D "C5'" 1 
ATOM 424 C "C4'" . DA D 1 4 ? 3.902   -5.704  7.636   1.00 164.90 ? 10 DA D "C4'" 1 
ATOM 425 O "O4'" . DA D 1 4 ? 2.943   -5.464  6.585   1.00 178.12 ? 10 DA D "O4'" 1 
ATOM 426 C "C3'" . DA D 1 4 ? 5.240   -5.163  7.120   1.00 124.14 ? 10 DA D "C3'" 1 
ATOM 427 O "O3'" . DA D 1 4 ? 6.059   -6.295  6.796   1.00 129.62 ? 10 DA D "O3'" 1 
ATOM 428 C "C2'" . DA D 1 4 ? 4.841   -4.306  5.933   1.00 133.97 ? 10 DA D "C2'" 1 
ATOM 429 C "C1'" . DA D 1 4 ? 3.635   -5.064  5.421   1.00 141.40 ? 10 DA D "C1'" 1 
ATOM 430 N N9    . DA D 1 4 ? 2.696   -4.357  4.553   1.00 137.89 ? 10 DA D N9    1 
ATOM 431 C C8    . DA D 1 4 ? 1.813   -4.952  3.688   1.00 139.85 ? 10 DA D C8    1 
ATOM 432 N N7    . DA D 1 4 ? 1.076   -4.103  3.017   1.00 139.31 ? 10 DA D N7    1 
ATOM 433 C C5    . DA D 1 4 ? 1.481   -2.865  3.488   1.00 121.93 ? 10 DA D C5    1 
ATOM 434 C C6    . DA D 1 4 ? 1.076   -1.559  3.174   1.00 131.81 ? 10 DA D C6    1 
ATOM 435 N N6    . DA D 1 4 ? 0.124   -1.276  2.281   1.00 141.82 ? 10 DA D N6    1 
ATOM 436 N N1    . DA D 1 4 ? 1.694   -0.538  3.813   1.00 148.96 ? 10 DA D N1    1 
ATOM 437 C C2    . DA D 1 4 ? 2.648   -0.826  4.706   1.00 137.95 ? 10 DA D C2    1 
ATOM 438 N N3    . DA D 1 4 ? 3.118   -2.013  5.081   1.00 149.27 ? 10 DA D N3    1 
ATOM 439 C C4    . DA D 1 4 ? 2.484   -3.004  4.429   1.00 135.83 ? 10 DA D C4    1 
ATOM 440 P P     . DA D 1 5 ? 7.305   -6.189  5.845   1.00 161.07 ? 11 DA D P     1 
ATOM 441 O OP1   . DA D 1 5 ? 8.180   -7.361  6.118   1.00 159.72 ? 11 DA D OP1   1 
ATOM 442 O OP2   . DA D 1 5 ? 7.845   -4.819  5.980   1.00 201.50 ? 11 DA D OP2   1 
ATOM 443 O "O5'" . DA D 1 5 ? 6.669   -6.386  4.398   1.00 144.66 ? 11 DA D "O5'" 1 
ATOM 444 C "C5'" . DA D 1 5 ? 5.978   -7.604  4.080   1.00 126.62 ? 11 DA D "C5'" 1 
ATOM 445 C "C4'" . DA D 1 5 ? 5.530   -7.597  2.639   1.00 152.08 ? 11 DA D "C4'" 1 
ATOM 446 O "O4'" . DA D 1 5 ? 4.628   -6.508  2.375   1.00 154.28 ? 11 DA D "O4'" 1 
ATOM 447 C "C3'" . DA D 1 5 ? 6.666   -7.456  1.617   1.00 145.82 ? 11 DA D "C3'" 1 
ATOM 448 O "O3'" . DA D 1 5 ? 6.767   -8.652  0.833   1.00 137.37 ? 11 DA D "O3'" 1 
ATOM 449 C "C2'" . DA D 1 5 ? 6.263   -6.265  0.762   1.00 140.62 ? 11 DA D "C2'" 1 
ATOM 450 C "C1'" . DA D 1 5 ? 4.777   -6.177  1.013   1.00 139.89 ? 11 DA D "C1'" 1 
ATOM 451 N N9    . DA D 1 5 ? 4.174   -4.863  0.789   1.00 124.67 ? 11 DA D N9    1 
ATOM 452 C C8    . DA D 1 5 ? 3.224   -4.553  -0.150  1.00 128.21 ? 11 DA D C8    1 
ATOM 453 N N7    . DA D 1 5 ? 2.864   -3.298  -0.141  1.00 125.50 ? 11 DA D N7    1 
ATOM 454 C C5    . DA D 1 5 ? 3.628   -2.741  0.874   1.00 113.60 ? 11 DA D C5    1 
ATOM 455 C C6    . DA D 1 5 ? 3.712   -1.431  1.382   1.00 127.46 ? 11 DA D C6    1 
ATOM 456 N N6    . DA D 1 5 ? 2.986   -0.411  0.922   1.00 150.96 ? 11 DA D N6    1 
ATOM 457 N N1    . DA D 1 5 ? 4.576   -1.206  2.393   1.00 104.40 ? 11 DA D N1    1 
ATOM 458 C C2    . DA D 1 5 ? 5.301   -2.232  2.854   1.00 117.60 ? 11 DA D C2    1 
ATOM 459 N N3    . DA D 1 5 ? 5.309   -3.506  2.459   1.00 109.55 ? 11 DA D N3    1 
ATOM 460 C C4    . DA D 1 5 ? 4.441   -3.692  1.452   1.00 106.68 ? 11 DA D C4    1 
ATOM 461 P P     . DT D 1 6 ? 8.003   -8.930  -0.092  1.00 149.84 ? 12 DT D P     1 
ATOM 462 O OP1   . DT D 1 6 ? 8.144   -10.413 -0.213  1.00 129.51 ? 12 DT D OP1   1 
ATOM 463 O OP2   . DT D 1 6 ? 9.133   -8.091  0.402   1.00 169.29 ? 12 DT D OP2   1 
ATOM 464 O "O5'" . DT D 1 6 ? 7.543   -8.368  -1.506  1.00 154.44 ? 12 DT D "O5'" 1 
ATOM 465 C "C5'" . DT D 1 6 ? 6.427   -8.947  -2.205  1.00 135.82 ? 12 DT D "C5'" 1 
ATOM 466 C "C4'" . DT D 1 6 ? 5.950   -8.007  -3.288  1.00 160.97 ? 12 DT D "C4'" 1 
ATOM 467 O "O4'" . DT D 1 6 ? 5.467   -6.780  -2.689  1.00 146.69 ? 12 DT D "O4'" 1 
ATOM 468 C "C3'" . DT D 1 6 ? 7.017   -7.589  -4.305  1.00 157.22 ? 12 DT D "C3'" 1 
ATOM 469 O "O3'" . DT D 1 6 ? 6.632   -7.934  -5.627  1.00 138.39 ? 12 DT D "O3'" 1 
ATOM 470 C "C2'" . DT D 1 6 ? 7.089   -6.084  -4.166  1.00 148.44 ? 12 DT D "C2'" 1 
ATOM 471 C "C1'" . DT D 1 6 ? 5.728   -5.740  -3.589  1.00 138.13 ? 12 DT D "C1'" 1 
ATOM 472 N N1    . DT D 1 6 ? 5.640   -4.455  -2.864  1.00 142.08 ? 12 DT D N1    1 
ATOM 473 C C2    . DT D 1 6 ? 4.622   -3.593  -3.209  1.00 127.47 ? 12 DT D C2    1 
ATOM 474 O O2    . DT D 1 6 ? 3.799   -3.846  -4.073  1.00 125.67 ? 12 DT D O2    1 
ATOM 475 N N3    . DT D 1 6 ? 4.614   -2.411  -2.511  1.00 118.81 ? 12 DT D N3    1 
ATOM 476 C C4    . DT D 1 6 ? 5.489   -2.022  -1.514  1.00 127.94 ? 12 DT D C4    1 
ATOM 477 O O4    . DT D 1 6 ? 5.348   -0.932  -0.967  1.00 116.01 ? 12 DT D O4    1 
ATOM 478 C C5    . DT D 1 6 ? 6.531   -2.971  -1.204  1.00 141.15 ? 12 DT D C5    1 
ATOM 479 C C7    . DT D 1 6 ? 7.530   -2.631  -0.143  1.00 138.27 ? 12 DT D C7    1 
ATOM 480 C C6    . DT D 1 6 ? 6.557   -4.124  -1.887  1.00 156.96 ? 12 DT D C6    1 
ATOM 481 O "O5'" . DA E 1 1 ? -5.548  -4.331  15.094  1.00 136.89 ? 1  DA E "O5'" 1 
ATOM 482 C "C5'" . DA E 1 1 ? -6.153  -4.283  13.785  1.00 132.53 ? 1  DA E "C5'" 1 
ATOM 483 C "C4'" . DA E 1 1 ? -6.960  -3.019  13.595  1.00 132.76 ? 1  DA E "C4'" 1 
ATOM 484 O "O4'" . DA E 1 1 ? -7.608  -3.084  12.302  1.00 132.72 ? 1  DA E "O4'" 1 
ATOM 485 C "C3'" . DA E 1 1 ? -8.086  -2.809  14.621  1.00 145.79 ? 1  DA E "C3'" 1 
ATOM 486 O "O3'" . DA E 1 1 ? -8.232  -1.436  14.932  1.00 128.88 ? 1  DA E "O3'" 1 
ATOM 487 C "C2'" . DA E 1 1 ? -9.308  -3.342  13.894  1.00 151.29 ? 1  DA E "C2'" 1 
ATOM 488 C "C1'" . DA E 1 1 ? -9.018  -2.925  12.468  1.00 137.70 ? 1  DA E "C1'" 1 
ATOM 489 N N9    . DA E 1 1 ? -9.687  -3.728  11.448  1.00 132.42 ? 1  DA E N9    1 
ATOM 490 C C8    . DA E 1 1 ? -10.668 -3.305  10.586  1.00 135.72 ? 1  DA E C8    1 
ATOM 491 N N7    . DA E 1 1 ? -11.081 -4.237  9.763   1.00 123.33 ? 1  DA E N7    1 
ATOM 492 C C5    . DA E 1 1 ? -10.336 -5.353  10.118  1.00 104.74 ? 1  DA E C5    1 
ATOM 493 C C6    . DA E 1 1 ? -10.307 -6.671  9.624   1.00 112.68 ? 1  DA E C6    1 
ATOM 494 N N6    . DA E 1 1 ? -11.083 -7.108  8.626   1.00 134.83 ? 1  DA E N6    1 
ATOM 495 N N1    . DA E 1 1 ? -9.445  -7.537  10.194  1.00 112.49 ? 1  DA E N1    1 
ATOM 496 C C2    . DA E 1 1 ? -8.672  -7.103  11.196  1.00 107.09 ? 1  DA E C2    1 
ATOM 497 N N3    . DA E 1 1 ? -8.603  -5.890  11.744  1.00 94.55  ? 1  DA E N3    1 
ATOM 498 C C4    . DA E 1 1 ? -9.470  -5.053  11.151  1.00 109.74 ? 1  DA E C4    1 
ATOM 499 P P     . DT E 1 2 ? -9.202  -0.951  16.114  1.00 150.83 ? 2  DT E P     1 
ATOM 500 O OP1   . DT E 1 2 ? -8.807  0.438   16.516  1.00 166.14 ? 2  DT E OP1   1 
ATOM 501 O OP2   . DT E 1 2 ? -9.264  -2.027  17.128  1.00 173.55 ? 2  DT E OP2   1 
ATOM 502 O "O5'" . DT E 1 2 ? -10.615 -0.845  15.403  1.00 117.56 ? 2  DT E "O5'" 1 
ATOM 503 C "C5'" . DT E 1 2 ? -10.854 0.121   14.372  1.00 105.56 ? 2  DT E "C5'" 1 
ATOM 504 C "C4'" . DT E 1 2 ? -12.244 -0.055  13.812  1.00 122.82 ? 2  DT E "C4'" 1 
ATOM 505 O "O4'" . DT E 1 2 ? -12.275 -1.223  12.948  1.00 120.40 ? 2  DT E "O4'" 1 
ATOM 506 C "C3'" . DT E 1 2 ? -13.366 -0.242  14.845  1.00 128.03 ? 2  DT E "C3'" 1 
ATOM 507 O "O3'" . DT E 1 2 ? -14.423 0.686   14.593  1.00 133.55 ? 2  DT E "O3'" 1 
ATOM 508 C "C2'" . DT E 1 2 ? -13.856 -1.645  14.582  1.00 146.91 ? 2  DT E "C2'" 1 
ATOM 509 C "C1'" . DT E 1 2 ? -13.539 -1.822  13.109  1.00 129.66 ? 2  DT E "C1'" 1 
ATOM 510 N N1    . DT E 1 2 ? -13.459 -3.211  12.617  1.00 133.46 ? 2  DT E N1    1 
ATOM 511 C C2    . DT E 1 2 ? -14.201 -3.538  11.508  1.00 148.14 ? 2  DT E C2    1 
ATOM 512 O O2    . DT E 1 2 ? -14.916 -2.739  10.924  1.00 151.29 ? 2  DT E O2    1 
ATOM 513 N N3    . DT E 1 2 ? -14.085 -4.847  11.109  1.00 175.32 ? 2  DT E N3    1 
ATOM 514 C C4    . DT E 1 2 ? -13.306 -5.832  11.689  1.00 140.26 ? 2  DT E C4    1 
ATOM 515 O O4    . DT E 1 2 ? -13.301 -6.967  11.213  1.00 184.94 ? 2  DT E O4    1 
ATOM 516 C C5    . DT E 1 2 ? -12.553 -5.417  12.847  1.00 118.72 ? 2  DT E C5    1 
ATOM 517 C C7    . DT E 1 2 ? -11.690 -6.415  13.549  1.00 121.00 ? 2  DT E C7    1 
ATOM 518 C C6    . DT E 1 2 ? -12.663 -4.146  13.247  1.00 127.36 ? 2  DT E C6    1 
ATOM 519 P P     . DT E 1 3 ? -15.512 1.030   15.701  1.00 150.00 ? 3  DT E P     1 
ATOM 520 O OP1   . DT E 1 3 ? -15.357 2.465   16.066  1.00 133.84 ? 3  DT E OP1   1 
ATOM 521 O OP2   . DT E 1 3 ? -15.453 -0.037  16.736  1.00 194.07 ? 3  DT E OP2   1 
ATOM 522 O "O5'" . DT E 1 3 ? -16.885 0.875   14.907  1.00 134.33 ? 3  DT E "O5'" 1 
ATOM 523 C "C5'" . DT E 1 3 ? -17.249 1.809   13.874  1.00 123.93 ? 3  DT E "C5'" 1 
ATOM 524 C "C4'" . DT E 1 3 ? -18.406 1.257   13.076  1.00 141.46 ? 3  DT E "C4'" 1 
ATOM 525 O "O4'" . DT E 1 3 ? -18.052 -0.044  12.535  1.00 151.21 ? 3  DT E "O4'" 1 
ATOM 526 C "C3'" . DT E 1 3 ? -19.699 1.048   13.860  1.00 139.23 ? 3  DT E "C3'" 1 
ATOM 527 O "O3'" . DT E 1 3 ? -20.822 1.573   13.144  1.00 156.23 ? 3  DT E "O3'" 1 
ATOM 528 C "C2'" . DT E 1 3 ? -19.781 -0.448  13.984  1.00 138.38 ? 3  DT E "C2'" 1 
ATOM 529 C "C1'" . DT E 1 3 ? -19.119 -0.927  12.715  1.00 137.20 ? 3  DT E "C1'" 1 
ATOM 530 N N1    . DT E 1 3 ? -18.581 -2.304  12.760  1.00 148.20 ? 3  DT E N1    1 
ATOM 531 C C2    . DT E 1 3 ? -18.964 -3.182  11.774  1.00 152.23 ? 3  DT E C2    1 
ATOM 532 O O2    . DT E 1 3 ? -19.714 -2.874  10.862  1.00 170.91 ? 3  DT E O2    1 
ATOM 533 N N3    . DT E 1 3 ? -18.428 -4.441  11.887  1.00 146.76 ? 3  DT E N3    1 
ATOM 534 C C4    . DT E 1 3 ? -17.574 -4.900  12.874  1.00 152.14 ? 3  DT E C4    1 
ATOM 535 O O4    . DT E 1 3 ? -17.174 -6.063  12.848  1.00 151.49 ? 3  DT E O4    1 
ATOM 536 C C5    . DT E 1 3 ? -17.215 -3.926  13.877  1.00 160.65 ? 3  DT E C5    1 
ATOM 537 C C7    . DT E 1 3 ? -16.289 -4.331  14.981  1.00 182.43 ? 3  DT E C7    1 
ATOM 538 C C6    . DT E 1 3 ? -17.729 -2.695  13.772  1.00 147.14 ? 3  DT E C6    1 
ATOM 539 P P     . DA E 1 4 ? -22.313 1.375   13.680  1.00 184.74 ? 4  DA E P     1 
ATOM 540 O OP1   . DA E 1 4 ? -23.149 2.484   13.170  1.00 177.99 ? 4  DA E OP1   1 
ATOM 541 O OP2   . DA E 1 4 ? -22.243 1.113   15.141  1.00 227.54 ? 4  DA E OP2   1 
ATOM 542 O "O5'" . DA E 1 4 ? -22.778 0.048   12.957  1.00 118.01 ? 4  DA E "O5'" 1 
ATOM 543 C "C5'" . DA E 1 4 ? -22.842 -0.038  11.532  1.00 115.16 ? 4  DA E "C5'" 1 
ATOM 544 C "C4'" . DA E 1 4 ? -23.491 -1.334  11.113  1.00 143.62 ? 4  DA E "C4'" 1 
ATOM 545 O "O4'" . DA E 1 4 ? -22.592 -2.439  11.365  1.00 156.19 ? 4  DA E "O4'" 1 
ATOM 546 C "C3'" . DA E 1 4 ? -24.793 -1.667  11.846  1.00 142.62 ? 4  DA E "C3'" 1 
ATOM 547 O "O3'" . DA E 1 4 ? -25.827 -1.944  10.889  1.00 158.61 ? 4  DA E "O3'" 1 
ATOM 548 C "C2'" . DA E 1 4 ? -24.445 -2.882  12.682  1.00 135.25 ? 4  DA E "C2'" 1 
ATOM 549 C "C1'" . DA E 1 4 ? -23.347 -3.526  11.859  1.00 136.80 ? 4  DA E "C1'" 1 
ATOM 550 N N9    . DA E 1 4 ? -22.439 -4.420  12.576  1.00 151.48 ? 4  DA E N9    1 
ATOM 551 C C8    . DA E 1 4 ? -22.112 -5.705  12.223  1.00 154.03 ? 4  DA E C8    1 
ATOM 552 N N7    . DA E 1 4 ? -21.263 -6.278  13.041  1.00 144.36 ? 4  DA E N7    1 
ATOM 553 C C5    . DA E 1 4 ? -21.011 -5.304  13.995  1.00 139.65 ? 4  DA E C5    1 
ATOM 554 C C6    . DA E 1 4 ? -20.189 -5.289  15.137  1.00 132.56 ? 4  DA E C6    1 
ATOM 555 N N6    . DA E 1 4 ? -19.443 -6.324  15.525  1.00 129.25 ? 4  DA E N6    1 
ATOM 556 N N1    . DA E 1 4 ? -20.161 -4.162  15.876  1.00 123.02 ? 4  DA E N1    1 
ATOM 557 C C2    . DA E 1 4 ? -20.913 -3.121  15.486  1.00 148.00 ? 4  DA E C2    1 
ATOM 558 N N3    . DA E 1 4 ? -21.723 -3.014  14.433  1.00 139.64 ? 4  DA E N3    1 
ATOM 559 C C4    . DA E 1 4 ? -21.727 -4.153  13.719  1.00 149.46 ? 4  DA E C4    1 
ATOM 560 P P     . DA E 1 5 ? -27.298 -2.332  11.342  1.00 157.75 ? 5  DA E P     1 
ATOM 561 O OP1   . DA E 1 5 ? -28.207 -2.024  10.202  1.00 139.89 ? 5  DA E OP1   1 
ATOM 562 O OP2   . DA E 1 5 ? -27.526 -1.702  12.663  1.00 162.73 ? 5  DA E OP2   1 
ATOM 563 O "O5'" . DA E 1 5 ? -27.227 -3.917  11.504  1.00 129.23 ? 5  DA E "O5'" 1 
ATOM 564 C "C5'" . DA E 1 5 ? -26.767 -4.719  10.418  1.00 120.37 ? 5  DA E "C5'" 1 
ATOM 565 C "C4'" . DA E 1 5 ? -26.586 -6.154  10.842  1.00 145.24 ? 5  DA E "C4'" 1 
ATOM 566 O "O4'" . DA E 1 5 ? -25.474 -6.289  11.750  1.00 144.32 ? 5  DA E "O4'" 1 
ATOM 567 C "C3'" . DA E 1 5 ? -27.790 -6.790  11.551  1.00 142.73 ? 5  DA E "C3'" 1 
ATOM 568 O "O3'" . DA E 1 5 ? -28.284 -7.875  10.757  1.00 148.24 ? 5  DA E "O3'" 1 
ATOM 569 C "C2'" . DA E 1 5 ? -27.221 -7.284  12.872  1.00 132.94 ? 5  DA E "C2'" 1 
ATOM 570 C "C1'" . DA E 1 5 ? -25.756 -7.424  12.540  1.00 141.49 ? 5  DA E "C1'" 1 
ATOM 571 N N9    . DA E 1 5 ? -24.821 -7.454  13.663  1.00 138.03 ? 5  DA E N9    1 
ATOM 572 C C8    . DA E 1 5 ? -24.036 -8.524  14.017  1.00 142.21 ? 5  DA E C8    1 
ATOM 573 N N7    . DA E 1 5 ? -23.285 -8.303  15.065  1.00 130.53 ? 5  DA E N7    1 
ATOM 574 C C5    . DA E 1 5 ? -23.588 -7.000  15.425  1.00 101.72 ? 5  DA E C5    1 
ATOM 575 C C6    . DA E 1 5 ? -23.121 -6.175  16.462  1.00 107.76 ? 5  DA E C6    1 
ATOM 576 N N6    . DA E 1 5 ? -22.208 -6.555  17.358  1.00 123.14 ? 5  DA E N6    1 
ATOM 577 N N1    . DA E 1 5 ? -23.624 -4.927  16.549  1.00 116.57 ? 5  DA E N1    1 
ATOM 578 C C2    . DA E 1 5 ? -24.540 -4.545  15.649  1.00 156.30 ? 5  DA E C2    1 
ATOM 579 N N3    . DA E 1 5 ? -25.063 -5.232  14.630  1.00 129.69 ? 5  DA E N3    1 
ATOM 580 C C4    . DA E 1 5 ? -24.536 -6.465  14.573  1.00 113.43 ? 5  DA E C4    1 
ATOM 581 P P     . DT E 1 6 ? -29.658 -8.587  11.095  1.00 137.57 ? 6  DT E P     1 
ATOM 582 O OP1   . DT E 1 6 ? -30.189 -9.211  9.864   1.00 127.87 ? 6  DT E OP1   1 
ATOM 583 O OP2   . DT E 1 6 ? -30.495 -7.636  11.837  1.00 160.09 ? 6  DT E OP2   1 
ATOM 584 O "O5'" . DT E 1 6 ? -29.213 -9.764  12.050  1.00 138.12 ? 6  DT E "O5'" 1 
ATOM 585 C "C5'" . DT E 1 6 ? -28.320 -10.796 11.620  1.00 124.94 ? 6  DT E "C5'" 1 
ATOM 586 C "C4'" . DT E 1 6 ? -27.870 -11.621 12.801  1.00 153.49 ? 6  DT E "C4'" 1 
ATOM 587 O "O4'" . DT E 1 6 ? -26.986 -10.839 13.640  1.00 144.77 ? 6  DT E "O4'" 1 
ATOM 588 C "C3'" . DT E 1 6 ? -28.991 -12.125 13.715  1.00 159.61 ? 6  DT E "C3'" 1 
ATOM 589 O "O3'" . DT E 1 6 ? -29.096 -13.545 13.663  1.00 160.86 ? 6  DT E "O3'" 1 
ATOM 590 C "C2'" . DT E 1 6 ? -28.566 -11.672 15.103  1.00 164.16 ? 6  DT E "C2'" 1 
ATOM 591 C "C1'" . DT E 1 6 ? -27.091 -11.356 14.942  1.00 134.99 ? 6  DT E "C1'" 1 
ATOM 592 N N1    . DT E 1 6 ? -26.538 -10.364 15.888  1.00 116.91 ? 6  DT E N1    1 
ATOM 593 C C2    . DT E 1 6 ? -25.476 -10.753 16.675  1.00 110.21 ? 6  DT E C2    1 
ATOM 594 O O2    . DT E 1 6 ? -24.993 -11.872 16.640  1.00 122.73 ? 6  DT E O2    1 
ATOM 595 N N3    . DT E 1 6 ? -25.019 -9.787  17.535  1.00 127.51 ? 6  DT E N3    1 
ATOM 596 C C4    . DT E 1 6 ? -25.491 -8.492  17.670  1.00 115.90 ? 6  DT E C4    1 
ATOM 597 O O4    . DT E 1 6 ? -24.972 -7.730  18.485  1.00 118.69 ? 6  DT E O4    1 
ATOM 598 C C5    . DT E 1 6 ? -26.605 -8.154  16.821  1.00 128.64 ? 6  DT E C5    1 
ATOM 599 C C7    . DT E 1 6 ? -27.190 -6.778  16.911  1.00 123.74 ? 6  DT E C7    1 
ATOM 600 C C6    . DT E 1 6 ? -27.068 -9.096  15.982  1.00 127.39 ? 6  DT E C6    1 
# 
loop_
_pdbx_poly_seq_scheme.asym_id 
_pdbx_poly_seq_scheme.entity_id 
_pdbx_poly_seq_scheme.seq_id 
_pdbx_poly_seq_scheme.mon_id 
_pdbx_poly_seq_scheme.ndb_seq_num 
_pdbx_poly_seq_scheme.pdb_seq_num 
_pdbx_poly_seq_scheme.auth_seq_num 
_pdbx_poly_seq_scheme.pdb_mon_id 
_pdbx_poly_seq_scheme.auth_mon_id 
_pdbx_poly_seq_scheme.pdb_strand_id 
_pdbx_poly_seq_scheme.pdb_ins_code 
_pdbx_poly_seq_scheme.hetero 
A 1 1 DA 1 1  1  DA DA A . n 
A 1 2 DT 2 2  2  DT DT A . n 
A 1 3 DT 3 3  3  DT DT A . n 
A 1 4 DA 4 4  4  DA DA A . n 
A 1 5 DA 5 5  5  DA DA A . n 
A 1 6 DT 6 6  6  DT DT A . n 
B 1 1 DA 1 7  7  DA DA B . n 
B 1 2 DT 2 8  8  DT DT B . n 
B 1 3 DT 3 9  9  DT DT B . n 
B 1 4 DA 4 10 10 DA DA B . n 
B 1 5 DA 5 11 11 DA DA B . n 
B 1 6 DT 6 12 12 DT DT B . n 
C 1 1 DA 1 1  1  DA DA C . n 
C 1 2 DT 2 2  2  DT DT C . n 
C 1 3 DT 3 3  3  DT DT C . n 
C 1 4 DA 4 4  4  DA DA C . n 
C 1 5 DA 5 5  5  DA DA C . n 
C 1 6 DT 6 6  6  DT DT C . n 
D 1 1 DA 1 7  7  DA DA D . n 
D 1 2 DT 2 8  8  DT DT D . n 
D 1 3 DT 3 9  9  DT DT D . n 
D 1 4 DA 4 10 10 DA DA D . n 
D 1 5 DA 5 11 11 DA DA D . n 
D 1 6 DT 6 12 12 DT DT D . n 
E 1 1 DA 1 1  1  DA DA E . n 
E 1 2 DT 2 2  2  DT DT E . n 
E 1 3 DT 3 3  3  DT DT E . n 
E 1 4 DA 4 4  4  DA DA E . n 
E 1 5 DA 5 5  5  DA DA E . n 
E 1 6 DT 6 6  6  DT DT E . n 
# 
loop_
_pdbx_struct_assembly.id 
_pdbx_struct_assembly.details 
_pdbx_struct_assembly.method_details 
_pdbx_struct_assembly.oligomeric_details 
_pdbx_struct_assembly.oligomeric_count 
1 author_and_software_defined_assembly PISA Dimeric 2 
2 author_and_software_defined_assembly PISA Dimeric 2 
3 author_and_software_defined_assembly PISA Dimeric 2 
# 
loop_
_pdbx_struct_assembly_gen.assembly_id 
_pdbx_struct_assembly_gen.oper_expression 
_pdbx_struct_assembly_gen.asym_id_list 
1 1   A,B 
2 1   C,D 
3 1,2 E   
# 
loop_
_pdbx_struct_assembly_prop.biol_id 
_pdbx_struct_assembly_prop.type 
_pdbx_struct_assembly_prop.value 
_pdbx_struct_assembly_prop.details 
1 'ABSA (A^2)' 570  ? 
1 MORE         -6   ? 
1 'SSA (A^2)'  2370 ? 
2 'ABSA (A^2)' 550  ? 
2 MORE         -6   ? 
2 'SSA (A^2)'  2370 ? 
3 'ABSA (A^2)' 540  ? 
3 MORE         -6   ? 
3 'SSA (A^2)'  2430 ? 
# 
loop_
_pdbx_struct_oper_list.id 
_pdbx_struct_oper_list.type 
_pdbx_struct_oper_list.name 
_pdbx_struct_oper_list.symmetry_operation 
_pdbx_struct_oper_list.matrix[1][1] 
_pdbx_struct_oper_list.matrix[1][2] 
_pdbx_struct_oper_list.matrix[1][3] 
_pdbx_struct_oper_list.vector[1] 
_pdbx_struct_oper_list.matrix[2][1] 
_pdbx_struct_oper_list.matrix[2][2] 
_pdbx_struct_oper_list.matrix[2][3] 
_pdbx_struct_oper_list.vector[2] 
_pdbx_struct_oper_list.matrix[3][1] 
_pdbx_struct_oper_list.matrix[3][2] 
_pdbx_struct_oper_list.matrix[3][3] 
_pdbx_struct_oper_list.vector[3] 
1 'identity operation'         1_555 x,y,z       1.0000000000  0.0000000000  0.0000000000 0.0000000000   0.0000000000  1.0000000000  0.0000000000  0.0000000000   0.0000000000 0.0000000000  1.0000000000  0.0000000000  
2 'crystal symmetry operation' 2_756 -x+2,y,-z+1 -0.0512040526 -0.4140673494 0.9088049159 -34.1987268942 -0.4140673494 -0.8192954235 -0.3966147239 -15.5190986143 0.9088049159 -0.3966147239 -0.1295005239 28.6328352764 
# 
loop_
_pdbx_audit_revision_history.ordinal 
_pdbx_audit_revision_history.data_content_type 
_pdbx_audit_revision_history.major_revision 
_pdbx_audit_revision_history.minor_revision 
_pdbx_audit_revision_history.revision_date 
1 'Structure model' 1 0 2015-04-01 
2 'Structure model' 1 1 2023-12-20 
# 
_pdbx_audit_revision_details.ordinal             1 
_pdbx_audit_revision_details.revision_ordinal    1 
_pdbx_audit_revision_details.data_content_type   'Structure model' 
_pdbx_audit_revision_details.provider            repository 
_pdbx_audit_revision_details.type                'Initial release' 
_pdbx_audit_revision_details.description         ? 
_pdbx_audit_revision_details.details             ? 
# 
loop_
_pdbx_audit_revision_group.ordinal 
_pdbx_audit_revision_group.revision_ordinal 
_pdbx_audit_revision_group.data_content_type 
_pdbx_audit_revision_group.group 
1 2 'Structure model' 'Data collection'        
2 2 'Structure model' 'Database references'    
3 2 'Structure model' 'Refinement description' 
# 
loop_
_pdbx_audit_revision_category.ordinal 
_pdbx_audit_revision_category.revision_ordinal 
_pdbx_audit_revision_category.data_content_type 
_pdbx_audit_revision_category.category 
1 2 'Structure model' chem_comp_atom                
2 2 'Structure model' chem_comp_bond                
3 2 'Structure model' database_2                    
4 2 'Structure model' pdbx_initial_refinement_model 
# 
loop_
_pdbx_audit_revision_item.ordinal 
_pdbx_audit_revision_item.revision_ordinal 
_pdbx_audit_revision_item.data_content_type 
_pdbx_audit_revision_item.item 
1 2 'Structure model' '_database_2.pdbx_DOI'                
2 2 'Structure model' '_database_2.pdbx_database_accession' 
# 
loop_
_software.citation_id 
_software.classification 
_software.compiler_name 
_software.compiler_version 
_software.contact_author 
_software.contact_author_email 
_software.date 
_software.description 
_software.dependencies 
_software.hardware 
_software.language 
_software.location 
_software.mods 
_software.name 
_software.os 
_software.os_version 
_software.type 
_software.version 
_software.pdbx_ordinal 
? refinement       ? ? ? ? ? ? ? ? ? ? ? REFMAC ? ? ? 5.8.0071 1 
? 'data reduction' ? ? ? ? ? ? ? ? ? ? ? XDS    ? ? ? .        2 
? 'data scaling'   ? ? ? ? ? ? ? ? ? ? ? XSCALE ? ? ? .        3 
# 
loop_
_chem_comp_atom.comp_id 
_chem_comp_atom.atom_id 
_chem_comp_atom.type_symbol 
_chem_comp_atom.pdbx_aromatic_flag 
_chem_comp_atom.pdbx_stereo_config 
_chem_comp_atom.pdbx_ordinal 
DA OP3    O N N 1  
DA P      P N N 2  
DA OP1    O N N 3  
DA OP2    O N N 4  
DA "O5'"  O N N 5  
DA "C5'"  C N N 6  
DA "C4'"  C N R 7  
DA "O4'"  O N N 8  
DA "C3'"  C N S 9  
DA "O3'"  O N N 10 
DA "C2'"  C N N 11 
DA "C1'"  C N R 12 
DA N9     N Y N 13 
DA C8     C Y N 14 
DA N7     N Y N 15 
DA C5     C Y N 16 
DA C6     C Y N 17 
DA N6     N N N 18 
DA N1     N Y N 19 
DA C2     C Y N 20 
DA N3     N Y N 21 
DA C4     C Y N 22 
DA HOP3   H N N 23 
DA HOP2   H N N 24 
DA "H5'"  H N N 25 
DA "H5''" H N N 26 
DA "H4'"  H N N 27 
DA "H3'"  H N N 28 
DA "HO3'" H N N 29 
DA "H2'"  H N N 30 
DA "H2''" H N N 31 
DA "H1'"  H N N 32 
DA H8     H N N 33 
DA H61    H N N 34 
DA H62    H N N 35 
DA H2     H N N 36 
DT OP3    O N N 37 
DT P      P N N 38 
DT OP1    O N N 39 
DT OP2    O N N 40 
DT "O5'"  O N N 41 
DT "C5'"  C N N 42 
DT "C4'"  C N R 43 
DT "O4'"  O N N 44 
DT "C3'"  C N S 45 
DT "O3'"  O N N 46 
DT "C2'"  C N N 47 
DT "C1'"  C N R 48 
DT N1     N N N 49 
DT C2     C N N 50 
DT O2     O N N 51 
DT N3     N N N 52 
DT C4     C N N 53 
DT O4     O N N 54 
DT C5     C N N 55 
DT C7     C N N 56 
DT C6     C N N 57 
DT HOP3   H N N 58 
DT HOP2   H N N 59 
DT "H5'"  H N N 60 
DT "H5''" H N N 61 
DT "H4'"  H N N 62 
DT "H3'"  H N N 63 
DT "HO3'" H N N 64 
DT "H2'"  H N N 65 
DT "H2''" H N N 66 
DT "H1'"  H N N 67 
DT H3     H N N 68 
DT H71    H N N 69 
DT H72    H N N 70 
DT H73    H N N 71 
DT H6     H N N 72 
# 
loop_
_chem_comp_bond.comp_id 
_chem_comp_bond.atom_id_1 
_chem_comp_bond.atom_id_2 
_chem_comp_bond.value_order 
_chem_comp_bond.pdbx_aromatic_flag 
_chem_comp_bond.pdbx_stereo_config 
_chem_comp_bond.pdbx_ordinal 
DA OP3   P      sing N N 1  
DA OP3   HOP3   sing N N 2  
DA P     OP1    doub N N 3  
DA P     OP2    sing N N 4  
DA P     "O5'"  sing N N 5  
DA OP2   HOP2   sing N N 6  
DA "O5'" "C5'"  sing N N 7  
DA "C5'" "C4'"  sing N N 8  
DA "C5'" "H5'"  sing N N 9  
DA "C5'" "H5''" sing N N 10 
DA "C4'" "O4'"  sing N N 11 
DA "C4'" "C3'"  sing N N 12 
DA "C4'" "H4'"  sing N N 13 
DA "O4'" "C1'"  sing N N 14 
DA "C3'" "O3'"  sing N N 15 
DA "C3'" "C2'"  sing N N 16 
DA "C3'" "H3'"  sing N N 17 
DA "O3'" "HO3'" sing N N 18 
DA "C2'" "C1'"  sing N N 19 
DA "C2'" "H2'"  sing N N 20 
DA "C2'" "H2''" sing N N 21 
DA "C1'" N9     sing N N 22 
DA "C1'" "H1'"  sing N N 23 
DA N9    C8     sing Y N 24 
DA N9    C4     sing Y N 25 
DA C8    N7     doub Y N 26 
DA C8    H8     sing N N 27 
DA N7    C5     sing Y N 28 
DA C5    C6     sing Y N 29 
DA C5    C4     doub Y N 30 
DA C6    N6     sing N N 31 
DA C6    N1     doub Y N 32 
DA N6    H61    sing N N 33 
DA N6    H62    sing N N 34 
DA N1    C2     sing Y N 35 
DA C2    N3     doub Y N 36 
DA C2    H2     sing N N 37 
DA N3    C4     sing Y N 38 
DT OP3   P      sing N N 39 
DT OP3   HOP3   sing N N 40 
DT P     OP1    doub N N 41 
DT P     OP2    sing N N 42 
DT P     "O5'"  sing N N 43 
DT OP2   HOP2   sing N N 44 
DT "O5'" "C5'"  sing N N 45 
DT "C5'" "C4'"  sing N N 46 
DT "C5'" "H5'"  sing N N 47 
DT "C5'" "H5''" sing N N 48 
DT "C4'" "O4'"  sing N N 49 
DT "C4'" "C3'"  sing N N 50 
DT "C4'" "H4'"  sing N N 51 
DT "O4'" "C1'"  sing N N 52 
DT "C3'" "O3'"  sing N N 53 
DT "C3'" "C2'"  sing N N 54 
DT "C3'" "H3'"  sing N N 55 
DT "O3'" "HO3'" sing N N 56 
DT "C2'" "C1'"  sing N N 57 
DT "C2'" "H2'"  sing N N 58 
DT "C2'" "H2''" sing N N 59 
DT "C1'" N1     sing N N 60 
DT "C1'" "H1'"  sing N N 61 
DT N1    C2     sing N N 62 
DT N1    C6     sing N N 63 
DT C2    O2     doub N N 64 
DT C2    N3     sing N N 65 
DT N3    C4     sing N N 66 
DT N3    H3     sing N N 67 
DT C4    O4     doub N N 68 
DT C4    C5     sing N N 69 
DT C5    C7     sing N N 70 
DT C5    C6     doub N N 71 
DT C7    H71    sing N N 72 
DT C7    H72    sing N N 73 
DT C7    H73    sing N N 74 
DT C6    H6     sing N N 75 
# 
_ndb_struct_conf_na.entry_id        4U9M 
_ndb_struct_conf_na.feature         'double helix' 
_ndb_struct_conf_na.feature_count   ? 
# 
loop_
_ndb_struct_na_base_pair.model_number 
_ndb_struct_na_base_pair.i_label_asym_id 
_ndb_struct_na_base_pair.i_label_comp_id 
_ndb_struct_na_base_pair.i_label_seq_id 
_ndb_struct_na_base_pair.i_symmetry 
_ndb_struct_na_base_pair.j_label_asym_id 
_ndb_struct_na_base_pair.j_label_comp_id 
_ndb_struct_na_base_pair.j_label_seq_id 
_ndb_struct_na_base_pair.j_symmetry 
_ndb_struct_na_base_pair.shear 
_ndb_struct_na_base_pair.stretch 
_ndb_struct_na_base_pair.stagger 
_ndb_struct_na_base_pair.buckle 
_ndb_struct_na_base_pair.propeller 
_ndb_struct_na_base_pair.opening 
_ndb_struct_na_base_pair.pair_number 
_ndb_struct_na_base_pair.pair_name 
_ndb_struct_na_base_pair.i_auth_asym_id 
_ndb_struct_na_base_pair.i_auth_seq_id 
_ndb_struct_na_base_pair.i_PDB_ins_code 
_ndb_struct_na_base_pair.j_auth_asym_id 
_ndb_struct_na_base_pair.j_auth_seq_id 
_ndb_struct_na_base_pair.j_PDB_ins_code 
_ndb_struct_na_base_pair.hbond_type_28 
_ndb_struct_na_base_pair.hbond_type_12 
1 B DA 1 1_555 A DT 6 1_555 0.103  -3.071 0.440  -6.845  -1.197  68.878  1  B_DA7:DT6_A  B 7  ? A 6  ? 23 3 
1 B DT 2 1_555 A DA 5 1_555 -0.417 3.429  0.144  -5.613  -8.540  -70.536 2  B_DT8:DA5_A  B 8  ? A 5  ? 23 3 
1 B DT 3 1_555 A DA 4 1_555 -0.983 3.803  0.429  -10.304 -2.819  -74.356 3  B_DT9:DA4_A  B 9  ? A 4  ? 23 3 
1 B DA 4 1_555 A DT 3 1_555 1.021  -3.822 -0.216 6.351   9.411   74.473  4  B_DA10:DT3_A B 10 ? A 3  ? 23 3 
1 B DA 5 1_555 A DT 2 1_555 0.235  -3.220 -0.046 0.150   10.379  69.135  5  B_DA11:DT2_A B 11 ? A 2  ? 23 3 
1 B DT 6 1_555 A DA 1 1_555 -0.289 3.470  -0.127 1.023   -7.545  -66.227 6  B_DT12:DA1_A B 12 ? A 1  ? 23 3 
1 C DA 1 1_555 D DT 6 1_555 0.324  -3.332 0.334  -5.576  13.632  69.210  7  C_DA1:DT12_D C 1  ? D 12 ? 23 3 
1 C DT 2 1_555 D DA 5 1_555 -1.188 3.895  -0.044 -1.555  -15.867 -75.248 8  C_DT2:DA11_D C 2  ? D 11 ? 23 3 
1 C DT 3 1_555 D DA 4 1_555 -0.984 3.651  1.001  -23.200 -12.872 -76.268 9  C_DT3:DA10_D C 3  ? D 10 ? 23 3 
1 C DA 4 1_555 D DT 3 1_555 1.376  -3.969 -0.276 8.133   12.516  77.151  10 C_DA4:DT9_D  C 4  ? D 9  ? 23 3 
1 C DA 5 1_555 D DT 2 1_555 0.338  -3.206 -0.882 14.358  7.425   71.807  11 C_DA5:DT8_D  C 5  ? D 8  ? 23 3 
1 C DT 6 1_555 D DA 1 1_555 -0.425 3.474  -0.133 3.077   -10.155 -66.903 12 C_DT6:DA7_D  C 6  ? D 7  ? 23 3 
1 E DA 1 1_555 E DT 6 2_756 0.117  -3.187 0.258  -5.484  6.910   67.833  13 E_DA1:DT6_E  E 1  ? E 6  ? 23 3 
1 E DT 2 1_555 E DA 5 2_756 -0.301 3.321  0.152  -3.144  -4.857  -69.407 14 E_DT2:DA5_E  E 2  ? E 5  ? 23 3 
1 E DT 3 1_555 E DA 4 2_756 -1.559 4.020  0.437  -5.749  -7.105  -78.099 15 E_DT3:DA4_E  E 3  ? E 4  ? 23 3 
1 E DA 4 1_555 E DT 3 2_756 1.559  -4.020 -0.437 5.749   7.105   78.099  16 E_DA4:DT3_E  E 4  ? E 3  ? 23 3 
1 E DA 5 1_555 E DT 2 2_756 0.301  -3.321 -0.152 3.144   4.857   69.407  17 E_DA5:DT2_E  E 5  ? E 2  ? 23 3 
1 E DT 6 1_555 E DA 1 2_756 -0.117 3.187  -0.258 5.484   -6.910  -67.833 18 E_DT6:DA1_E  E 6  ? E 1  ? 23 3 
# 
loop_
_ndb_struct_na_base_pair_step.model_number 
_ndb_struct_na_base_pair_step.i_label_asym_id_1 
_ndb_struct_na_base_pair_step.i_label_comp_id_1 
_ndb_struct_na_base_pair_step.i_label_seq_id_1 
_ndb_struct_na_base_pair_step.i_symmetry_1 
_ndb_struct_na_base_pair_step.j_label_asym_id_1 
_ndb_struct_na_base_pair_step.j_label_comp_id_1 
_ndb_struct_na_base_pair_step.j_label_seq_id_1 
_ndb_struct_na_base_pair_step.j_symmetry_1 
_ndb_struct_na_base_pair_step.i_label_asym_id_2 
_ndb_struct_na_base_pair_step.i_label_comp_id_2 
_ndb_struct_na_base_pair_step.i_label_seq_id_2 
_ndb_struct_na_base_pair_step.i_symmetry_2 
_ndb_struct_na_base_pair_step.j_label_asym_id_2 
_ndb_struct_na_base_pair_step.j_label_comp_id_2 
_ndb_struct_na_base_pair_step.j_label_seq_id_2 
_ndb_struct_na_base_pair_step.j_symmetry_2 
_ndb_struct_na_base_pair_step.shift 
_ndb_struct_na_base_pair_step.slide 
_ndb_struct_na_base_pair_step.rise 
_ndb_struct_na_base_pair_step.tilt 
_ndb_struct_na_base_pair_step.roll 
_ndb_struct_na_base_pair_step.twist 
_ndb_struct_na_base_pair_step.x_displacement 
_ndb_struct_na_base_pair_step.y_displacement 
_ndb_struct_na_base_pair_step.helical_rise 
_ndb_struct_na_base_pair_step.inclination 
_ndb_struct_na_base_pair_step.tip 
_ndb_struct_na_base_pair_step.helical_twist 
_ndb_struct_na_base_pair_step.step_number 
_ndb_struct_na_base_pair_step.step_name 
_ndb_struct_na_base_pair_step.i_auth_asym_id_1 
_ndb_struct_na_base_pair_step.i_auth_seq_id_1 
_ndb_struct_na_base_pair_step.i_PDB_ins_code_1 
_ndb_struct_na_base_pair_step.j_auth_asym_id_1 
_ndb_struct_na_base_pair_step.j_auth_seq_id_1 
_ndb_struct_na_base_pair_step.j_PDB_ins_code_1 
_ndb_struct_na_base_pair_step.i_auth_asym_id_2 
_ndb_struct_na_base_pair_step.i_auth_seq_id_2 
_ndb_struct_na_base_pair_step.i_PDB_ins_code_2 
_ndb_struct_na_base_pair_step.j_auth_asym_id_2 
_ndb_struct_na_base_pair_step.j_auth_seq_id_2 
_ndb_struct_na_base_pair_step.j_PDB_ins_code_2 
1 B DA 1 1_555 A DT 6 1_555 B DT 2 1_555 A DA 5 1_555 4.355  -0.423 2.975  -91.660  149.077  93.605   -0.774 -2.525 0.363  75.115  
46.185  176.579  1  BB_DA7DT8:DA5DT6_AA   B 7  ? A 6  ? B 8  ? A 5  ? 
1 B DT 2 1_555 A DA 5 1_555 B DT 3 1_555 A DA 4 1_555 0.302  -0.285 3.457  1.695    -1.239   30.623   -0.280 -0.218 3.477  -2.342  
-3.205  30.693   2  BB_DT8DT9:DA4DA5_AA   B 8  ? A 5  ? B 9  ? A 4  ? 
1 B DT 3 1_555 A DA 4 1_555 B DA 4 1_555 A DT 3 1_555 2.185  -4.636 1.473  -164.293 67.180   141.457  -2.370 -1.219 0.144  33.617  
82.212  179.174  3  BB_DT9DA10:DT3DA4_AA  B 9  ? A 4  ? B 10 ? A 3  ? 
1 B DA 4 1_555 A DT 3 1_555 B DA 5 1_555 A DT 2 1_555 -0.620 0.142  -3.292 -1.702   0.097    -36.571  -0.213 -0.751 -3.317 -0.154  
-2.710  -36.610  4  BB_DA10DA11:DT2DT3_AA B 10 ? A 3  ? B 11 ? A 2  ? 
1 B DA 5 1_555 A DT 2 1_555 B DT 6 1_555 A DA 1 1_555 0.781  4.344  -0.031 -92.668  152.147  -172.381 -2.168 0.393  -0.250 -76.075 
-46.335 -179.877 5  BB_DA11DT12:DA1DT2_AA B 11 ? A 2  ? B 12 ? A 1  ? 
1 B DT 6 1_555 A DA 1 1_555 C DA 1 1_555 D DT 6 1_555 -3.202 -2.868 0.360  -165.411 65.276   -170.223 1.429  -1.612 0.194  -32.640 
-82.709 -179.815 6  BC_DT12DA1:DT12DA1_DA B 12 ? A 1  ? C 1  ? D 12 ? 
1 C DA 1 1_555 D DT 6 1_555 C DT 2 1_555 D DA 5 1_555 0.214  4.115  0.750  -100.588 144.682  -149.036 -2.091 0.084  -0.146 -72.397 
-50.333 -178.989 7  CC_DA1DT2:DA11DT12_DD C 1  ? D 12 ? C 2  ? D 11 ? 
1 C DT 2 1_555 D DA 5 1_555 C DT 3 1_555 D DA 4 1_555 0.770  -0.156 3.337  3.874    2.201    37.549   -0.533 -0.674 3.383  3.405   
-5.992  37.803   8  CC_DT2DT3:DA10DA11_DD C 2  ? D 11 ? C 3  ? D 10 ? 
1 C DT 3 1_555 D DA 4 1_555 C DA 4 1_555 D DT 3 1_555 2.191  3.141  -4.431 166.160  -62.207  14.092   0.946  -2.765 0.400  -31.500 
-84.139 177.442  9  CC_DT3DA4:DT9DA10_DD  C 3  ? D 10 ? C 4  ? D 9  ? 
1 C DA 4 1_555 D DT 3 1_555 C DA 5 1_555 D DT 2 1_555 -0.325 0.349  -2.822 -4.120   -0.297   -29.709  -0.728 0.109  -2.837 0.576   
-7.987  -29.989  10 CC_DA4DA5:DT8DT9_DD   C 4  ? D 9  ? C 5  ? D 8  ? 
1 C DA 5 1_555 D DT 2 1_555 C DT 6 1_555 D DA 1 1_555 0.698  4.473  1.532  -93.839  151.002  -130.078 -2.375 0.263  -0.059 -75.589 
-46.974 -179.065 11 CC_DA5DT6:DA7DT8_DD   C 5  ? D 8  ? C 6  ? D 7  ? 
1 E DA 1 1_555 E DT 6 2_756 E DT 2 1_555 E DA 5 2_756 -0.621 -4.667 -0.350 94.273   -150.281 172.521  -2.340 0.306  -0.113 -75.143 
-47.138 179.831  12 EE_DA1DT2:DA5DT6_EE   E 1  ? E 6  ? E 2  ? E 5  ? 
1 E DT 2 1_555 E DA 5 2_756 E DT 3 1_555 E DA 4 2_756 0.159  0.255  3.307  1.910    0.535    32.461   0.360  0.055  3.314  0.956   
-3.413  32.520   13 EE_DT2DT3:DA4DA5_EE   E 2  ? E 5  ? E 3  ? E 4  ? 
1 E DT 3 1_555 E DA 4 2_756 E DA 4 1_555 E DT 3 2_756 -2.864 4.715  0.000  169.145  -55.452  -180.000 -2.358 -1.432 0.000  27.726  
84.573  -180.000 14 EE_DT3DA4:DT3DA4_EE   E 3  ? E 4  ? E 4  ? E 3  ? 
1 E DA 4 1_555 E DT 3 2_756 E DA 5 1_555 E DT 2 2_756 -0.159 -0.255 -3.307 -1.910   -0.535   -32.461  0.360  0.055  -3.314 0.956   
-3.413  -32.520  15 EE_DA4DA5:DT2DT3_EE   E 4  ? E 3  ? E 5  ? E 2  ? 
1 E DA 5 1_555 E DT 2 2_756 E DT 6 1_555 E DA 1 2_756 0.621  4.667  0.350  -94.273  150.281  -172.521 -2.340 0.306  0.113  -75.143 
-47.138 -179.831 16 EE_DA5DT6:DA1DT2_EE   E 5  ? E 2  ? E 6  ? E 1  ? 
# 
loop_
_pdbx_audit_support.funding_organization 
_pdbx_audit_support.country 
_pdbx_audit_support.grant_number 
_pdbx_audit_support.ordinal 
'Feder funds and the Ministerio de Ciencia e Inovacion' Spain  BFU-2009-10380 1 
'Generalitat de Catalunya'                              Spain  SRG2009-1208   2 
CONACYT                                                 Mexico 'Reg. 212993'  3 
# 
loop_
_pdbx_initial_refinement_model.id 
_pdbx_initial_refinement_model.entity_id_list 
_pdbx_initial_refinement_model.type 
_pdbx_initial_refinement_model.source_name 
_pdbx_initial_refinement_model.accession_code 
_pdbx_initial_refinement_model.details 
1 ? 'experimental model' PDB 2QS6 'helical parameters taken from 2qs6, 1rsb' 
2 ? 'experimental model' PDB 1RSB 'helical parameters taken from 2qs6, 1rsb' 
# 
loop_
_pdbx_reflns_twin.domain_id 
_pdbx_reflns_twin.crystal_id 
_pdbx_reflns_twin.diffrn_id 
_pdbx_reflns_twin.type 
_pdbx_reflns_twin.operator 
_pdbx_reflns_twin.fraction 
1 1 1 ? 'H, K, L'                   0.184 
2 1 1 ? '1/2H+1/2K, -3/2H+1/2K, L'  0.156 
3 1 1 ? '1/2H-1/2K, 3/2H+1/2K, L'   0.147 
4 1 1 ? -h,-k,l                     0.168 
5 1 1 ? '-1/2H+1/2K, -3/2H-1/2K, L' 0.185 
6 1 1 ? '-1/2H-1/2K, 3/2H-1/2K, L'  0.159 
# 
